data_6FU7
#
_entry.id   6FU7
#
_cell.length_a   101.820
_cell.length_b   146.780
_cell.length_c   94.460
_cell.angle_alpha   90.000
_cell.angle_beta   101.770
_cell.angle_gamma   90.000
#
_symmetry.space_group_name_H-M   'C 1 2 1'
#
loop_
_entity.id
_entity.type
_entity.pdbx_description
1 polymer 'ATP phosphoribosyltransferase regulatory subunit'
2 polymer 'ATP phosphoribosyltransferase'
3 non-polymer 'CHLORIDE ION'
4 non-polymer 'MAGNESIUM ION'
5 non-polymer 'PHOSPHORIBOSYL ATP'
6 non-polymer 2-AMINO-2-HYDROXYMETHYL-PROPANE-1,3-DIOL
7 water water
#
loop_
_entity_poly.entity_id
_entity_poly.type
_entity_poly.pdbx_seq_one_letter_code
_entity_poly.pdbx_strand_id
1 'polypeptide(L)'
;GMLPDGVADVLFEDAHKQEVLRHQLTQQLITHGYQLVSPPMIEFTESLLSGASEDLKRQTFKIIDQLTGRLMGIRADITP
QILRIDAHHGGDGIARYCYAGDVIHTLPSGLFGSRTPLQLGAEIFGCESIAADIELIDVLFSMINSLDMSAVLHVDLGHV
TIFKRLAELAALSASDTEQLMQLYANKNLPELKQVCQVLPMGSDFYTLARFGHDIANLLGRLSENAQQDTKIVTAIDELQ
RLKAHLQVQWQCAVSIDVTELSGYHYHTGIVFNGYINSETQPLVRGGRFDGMKSNQLATNQPRQATGFSMDVSRLLAHTQ
LDAPFIVLIDYDAFNNLDSAQRQLLLQQVASLRQQGYRVTMPLTAEDMPVGLTHRLSLADNQWRLHAV
;
A,B
2 'polypeptide(L)'
;GMTEVTNSLPTSGLLNEANDEFLGLTLALSKGRILEETMPLLRAAGVELLEDPEASRKLIFPTSNPNVRVLILRASDVPT
YVEHGAADFGVAGKDVLLEHGANHVYELLDLKIAQCKLMTAGVKDAPLPNRRLRIATKYVNVARAYFASQGQQVDVIKLY
GSMELAPLVGLGDLIVDVVDTGNTLRANGLEARDHICDVSSRLIVNQVSYKRKFALLEPILDSFKNSINSTS
;
C,D
#
# COMPACT_ATOMS: atom_id res chain seq x y z
N MET A 2 -11.37 4.91 -26.55
CA MET A 2 -10.46 6.07 -26.76
C MET A 2 -9.72 6.44 -25.47
N LEU A 3 -8.39 6.36 -25.50
CA LEU A 3 -7.55 6.76 -24.39
C LEU A 3 -7.34 8.28 -24.39
N PRO A 4 -6.92 8.86 -23.25
CA PRO A 4 -6.52 10.27 -23.23
C PRO A 4 -5.31 10.57 -24.10
N ASP A 5 -5.18 11.81 -24.54
CA ASP A 5 -4.02 12.21 -25.34
C ASP A 5 -2.73 11.92 -24.59
N GLY A 6 -1.72 11.45 -25.31
CA GLY A 6 -0.46 11.01 -24.70
C GLY A 6 -0.55 9.73 -23.89
N VAL A 7 -1.56 8.90 -24.13
CA VAL A 7 -1.74 7.66 -23.39
C VAL A 7 -2.06 6.57 -24.39
N ALA A 8 -1.24 5.53 -24.38
CA ALA A 8 -1.35 4.45 -25.37
C ALA A 8 -1.13 3.11 -24.70
N ASP A 9 -1.88 2.10 -25.11
CA ASP A 9 -1.55 0.71 -24.79
C ASP A 9 -0.19 0.36 -25.46
N VAL A 10 0.57 -0.52 -24.85
CA VAL A 10 1.64 -1.22 -25.53
C VAL A 10 1.21 -2.69 -25.56
N LEU A 11 0.98 -3.21 -26.76
CA LEU A 11 0.34 -4.50 -26.97
C LEU A 11 1.21 -5.53 -27.67
N PHE A 12 1.09 -6.78 -27.21
CA PHE A 12 1.44 -7.96 -27.99
C PHE A 12 2.97 -8.03 -28.19
N GLU A 13 3.48 -8.08 -29.44
CA GLU A 13 4.92 -8.15 -29.64
C GLU A 13 5.67 -6.94 -29.09
N ASP A 14 5.06 -5.76 -29.18
CA ASP A 14 5.64 -4.55 -28.58
C ASP A 14 5.72 -4.67 -27.06
N ALA A 15 4.69 -5.26 -26.43
CA ALA A 15 4.71 -5.46 -24.98
C ALA A 15 5.81 -6.43 -24.59
N HIS A 16 5.94 -7.51 -25.36
CA HIS A 16 7.02 -8.46 -25.11
C HIS A 16 8.39 -7.76 -25.27
N LYS A 17 8.52 -6.96 -26.31
CA LYS A 17 9.78 -6.25 -26.55
C LYS A 17 10.08 -5.28 -25.40
N GLN A 18 9.07 -4.51 -24.99
CA GLN A 18 9.22 -3.60 -23.85
C GLN A 18 9.69 -4.30 -22.58
N GLU A 19 9.10 -5.47 -22.29
CA GLU A 19 9.49 -6.26 -21.13
C GLU A 19 10.92 -6.80 -21.25
N VAL A 20 11.31 -7.23 -22.45
CA VAL A 20 12.68 -7.67 -22.68
C VAL A 20 13.68 -6.51 -22.49
N LEU A 21 13.39 -5.36 -23.09
CA LEU A 21 14.24 -4.17 -22.93
C LEU A 21 14.37 -3.75 -21.46
N ARG A 22 13.23 -3.63 -20.77
CA ARG A 22 13.25 -3.23 -19.37
C ARG A 22 14.15 -4.17 -18.57
N HIS A 23 13.94 -5.48 -18.76
CA HIS A 23 14.69 -6.48 -18.02
C HIS A 23 16.18 -6.51 -18.36
N GLN A 24 16.52 -6.48 -19.64
CA GLN A 24 17.92 -6.57 -20.07
C GLN A 24 18.74 -5.32 -19.66
N LEU A 25 18.14 -4.14 -19.80
CA LEU A 25 18.80 -2.89 -19.40
C LEU A 25 19.01 -2.81 -17.88
N THR A 26 18.01 -3.26 -17.13
CA THR A 26 18.09 -3.33 -15.67
C THR A 26 19.17 -4.28 -15.24
N GLN A 27 19.16 -5.49 -15.80
CA GLN A 27 20.21 -6.48 -15.48
C GLN A 27 21.62 -5.97 -15.80
N GLN A 28 21.80 -5.27 -16.92
CA GLN A 28 23.10 -4.70 -17.26
C GLN A 28 23.58 -3.72 -16.19
N LEU A 29 22.67 -2.82 -15.80
CA LEU A 29 22.94 -1.86 -14.72
C LEU A 29 23.37 -2.57 -13.45
N ILE A 30 22.67 -3.65 -13.11
CA ILE A 30 23.00 -4.44 -11.90
C ILE A 30 24.40 -5.03 -11.99
N THR A 31 24.79 -5.52 -13.17
CA THR A 31 26.13 -6.11 -13.34
C THR A 31 27.27 -5.08 -13.30
N HIS A 32 26.95 -3.81 -13.52
CA HIS A 32 27.90 -2.69 -13.39
C HIS A 32 27.95 -2.15 -11.96
N GLY A 33 27.21 -2.79 -11.05
CA GLY A 33 27.25 -2.48 -9.62
C GLY A 33 26.23 -1.45 -9.18
N TYR A 34 25.18 -1.21 -9.96
CA TYR A 34 24.11 -0.31 -9.55
C TYR A 34 23.07 -1.11 -8.77
N GLN A 35 22.68 -0.64 -7.59
CA GLN A 35 21.69 -1.32 -6.76
C GLN A 35 20.30 -0.97 -7.25
N LEU A 36 19.51 -1.99 -7.59
CA LEU A 36 18.14 -1.78 -8.03
C LEU A 36 17.28 -1.36 -6.86
N VAL A 37 16.48 -0.33 -7.06
CA VAL A 37 15.47 0.06 -6.09
C VAL A 37 14.17 0.23 -6.85
N SER A 38 13.08 -0.03 -6.15
CA SER A 38 11.76 0.02 -6.76
C SER A 38 10.86 0.77 -5.79
N PRO A 39 10.92 2.12 -5.81
CA PRO A 39 10.04 2.87 -4.94
C PRO A 39 8.61 2.85 -5.46
N PRO A 40 7.65 3.22 -4.59
CA PRO A 40 6.24 3.15 -4.98
C PRO A 40 5.80 4.27 -5.92
N MET A 41 4.68 4.03 -6.61
CA MET A 41 4.02 5.02 -7.47
C MET A 41 3.52 6.24 -6.72
N ILE A 42 3.13 6.06 -5.45
CA ILE A 42 2.55 7.15 -4.66
C ILE A 42 3.29 7.39 -3.35
N GLU A 43 3.33 8.66 -2.94
CA GLU A 43 3.90 9.07 -1.66
C GLU A 43 3.14 10.29 -1.19
N PHE A 44 3.31 10.65 0.06
CA PHE A 44 2.87 11.97 0.51
C PHE A 44 3.68 13.00 -0.28
N THR A 45 3.04 14.12 -0.62
CA THR A 45 3.70 15.22 -1.35
C THR A 45 4.89 15.82 -0.59
N GLU A 46 4.82 15.81 0.74
CA GLU A 46 5.92 16.26 1.61
C GLU A 46 7.26 15.62 1.23
N SER A 47 7.27 14.33 0.90
CA SER A 47 8.50 13.66 0.49
C SER A 47 8.69 13.70 -1.03
N LEU A 48 7.63 13.44 -1.78
CA LEU A 48 7.70 13.33 -3.25
C LEU A 48 8.11 14.63 -3.95
N LEU A 49 7.67 15.77 -3.40
CA LEU A 49 7.93 17.07 -4.02
C LEU A 49 8.77 17.95 -3.10
N SER A 50 9.58 17.35 -2.22
CA SER A 50 10.51 18.11 -1.38
C SER A 50 11.57 18.75 -2.27
N GLY A 51 11.62 20.09 -2.25
CA GLY A 51 12.52 20.86 -3.10
C GLY A 51 12.28 20.75 -4.60
N ALA A 52 11.05 20.43 -5.00
CA ALA A 52 10.70 20.30 -6.42
C ALA A 52 10.60 21.66 -7.08
N SER A 53 10.90 21.70 -8.37
CA SER A 53 10.63 22.86 -9.21
C SER A 53 9.12 23.03 -9.38
N GLU A 54 8.71 24.18 -9.89
CA GLU A 54 7.31 24.44 -10.18
C GLU A 54 6.79 23.60 -11.36
N ASP A 55 7.68 23.27 -12.30
CA ASP A 55 7.31 22.39 -13.42
C ASP A 55 6.99 20.97 -12.91
N LEU A 56 7.80 20.46 -12.00
CA LEU A 56 7.59 19.14 -11.42
C LEU A 56 6.30 19.08 -10.60
N LYS A 57 6.01 20.15 -9.86
CA LYS A 57 4.76 20.27 -9.10
C LYS A 57 3.52 20.26 -10.01
N ARG A 58 3.55 21.06 -11.08
CA ARG A 58 2.46 21.07 -12.04
C ARG A 58 2.37 19.75 -12.81
N GLN A 59 3.50 19.08 -13.03
CA GLN A 59 3.51 17.77 -13.72
C GLN A 59 2.96 16.59 -12.87
N THR A 60 2.83 16.79 -11.56
CA THR A 60 2.44 15.75 -10.60
C THR A 60 0.94 15.77 -10.26
N PHE A 61 0.23 14.70 -10.61
CA PHE A 61 -1.18 14.51 -10.18
C PHE A 61 -1.27 14.41 -8.66
N LYS A 62 -2.26 15.08 -8.09
CA LYS A 62 -2.56 14.97 -6.66
C LYS A 62 -3.79 14.12 -6.39
N ILE A 63 -3.75 13.40 -5.29
CA ILE A 63 -4.84 12.56 -4.81
C ILE A 63 -4.83 12.66 -3.28
N ILE A 64 -5.98 12.38 -2.67
CA ILE A 64 -6.12 12.52 -1.21
C ILE A 64 -6.07 11.16 -0.51
N ASP A 65 -5.29 11.04 0.56
CA ASP A 65 -5.24 9.83 1.36
C ASP A 65 -6.46 9.83 2.29
N GLN A 66 -7.38 8.90 2.10
CA GLN A 66 -8.60 8.80 2.94
C GLN A 66 -8.36 8.29 4.36
N LEU A 67 -7.19 7.72 4.63
CA LEU A 67 -6.83 7.28 5.99
C LEU A 67 -6.29 8.42 6.87
N THR A 68 -5.71 9.46 6.28
CA THR A 68 -5.16 10.61 7.03
C THR A 68 -5.70 11.99 6.62
N GLY A 69 -6.36 12.08 5.46
CA GLY A 69 -6.77 13.36 4.90
C GLY A 69 -5.64 14.17 4.27
N ARG A 70 -4.45 13.59 4.12
CA ARG A 70 -3.29 14.30 3.58
C ARG A 70 -3.19 14.14 2.07
N LEU A 71 -2.46 15.05 1.45
CA LEU A 71 -2.23 15.03 0.02
C LEU A 71 -1.16 14.01 -0.36
N MET A 72 -1.42 13.25 -1.42
CA MET A 72 -0.40 12.41 -2.03
C MET A 72 -0.22 12.84 -3.46
N GLY A 73 0.80 12.30 -4.12
CA GLY A 73 1.01 12.51 -5.55
C GLY A 73 1.34 11.20 -6.24
N ILE A 74 0.98 11.08 -7.52
CA ILE A 74 1.46 10.01 -8.39
C ILE A 74 2.76 10.57 -8.94
N ARG A 75 3.84 9.82 -8.84
CA ARG A 75 5.14 10.35 -9.26
C ARG A 75 5.22 10.67 -10.76
N ALA A 76 5.78 11.85 -11.04
CA ALA A 76 6.17 12.27 -12.40
C ALA A 76 7.67 12.05 -12.65
N ASP A 77 8.43 11.74 -11.58
CA ASP A 77 9.87 11.57 -11.68
C ASP A 77 10.32 10.68 -10.52
N ILE A 78 11.18 9.70 -10.81
CA ILE A 78 11.69 8.79 -9.78
C ILE A 78 12.91 9.33 -9.01
N THR A 79 13.69 10.21 -9.65
CA THR A 79 14.93 10.78 -9.05
C THR A 79 14.76 11.30 -7.62
N PRO A 80 13.72 12.10 -7.31
CA PRO A 80 13.56 12.51 -5.91
C PRO A 80 13.36 11.34 -4.91
N GLN A 81 12.81 10.22 -5.39
CA GLN A 81 12.66 9.06 -4.52
C GLN A 81 14.02 8.40 -4.29
N ILE A 82 14.90 8.45 -5.29
CA ILE A 82 16.28 7.96 -5.13
C ILE A 82 17.03 8.76 -4.05
N LEU A 83 16.89 10.08 -4.07
CA LEU A 83 17.47 10.95 -3.00
C LEU A 83 17.00 10.57 -1.60
N ARG A 84 15.70 10.37 -1.45
CA ARG A 84 15.12 9.93 -0.18
C ARG A 84 15.78 8.63 0.28
N ILE A 85 15.84 7.67 -0.64
CA ILE A 85 16.45 6.36 -0.36
C ILE A 85 17.94 6.46 -0.02
N ASP A 86 18.68 7.25 -0.80
CA ASP A 86 20.11 7.45 -0.53
C ASP A 86 20.36 8.13 0.81
N ALA A 87 19.49 9.08 1.20
CA ALA A 87 19.63 9.75 2.48
C ALA A 87 19.48 8.79 3.65
N HIS A 88 18.55 7.83 3.56
CA HIS A 88 18.35 6.85 4.61
C HIS A 88 19.41 5.75 4.60
N HIS A 89 19.66 5.17 3.42
CA HIS A 89 20.51 3.97 3.28
C HIS A 89 21.95 4.19 2.75
N GLY A 90 22.22 5.33 2.11
CA GLY A 90 23.45 5.49 1.33
C GLY A 90 24.76 5.75 2.05
N GLY A 91 24.71 6.30 3.26
CA GLY A 91 25.92 6.70 3.97
C GLY A 91 26.65 7.87 3.33
N ASP A 92 27.94 8.01 3.67
CA ASP A 92 28.80 9.11 3.22
C ASP A 92 29.64 8.80 1.99
N GLY A 93 29.87 7.52 1.73
CA GLY A 93 30.70 7.09 0.62
C GLY A 93 29.96 7.11 -0.70
N ILE A 94 30.53 6.42 -1.67
CA ILE A 94 29.94 6.29 -3.00
C ILE A 94 28.82 5.26 -2.96
N ALA A 95 27.67 5.62 -3.54
CA ALA A 95 26.53 4.74 -3.65
C ALA A 95 25.98 4.82 -5.06
N ARG A 96 25.67 3.66 -5.65
CA ARG A 96 25.12 3.57 -6.99
C ARG A 96 23.71 2.95 -6.94
N TYR A 97 22.78 3.54 -7.69
CA TYR A 97 21.39 3.11 -7.74
C TYR A 97 20.91 3.05 -9.17
N CYS A 98 20.02 2.11 -9.45
CA CYS A 98 19.26 2.12 -10.69
C CYS A 98 17.80 1.79 -10.40
N TYR A 99 16.98 1.99 -11.43
CA TYR A 99 15.55 1.89 -11.28
C TYR A 99 14.90 1.83 -12.64
N ALA A 100 13.68 1.31 -12.65
CA ALA A 100 12.85 1.30 -13.82
C ALA A 100 11.41 1.19 -13.34
N GLY A 101 10.61 2.20 -13.65
CA GLY A 101 9.22 2.25 -13.20
C GLY A 101 8.40 3.23 -14.01
N ASP A 102 7.09 3.05 -13.96
CA ASP A 102 6.13 3.93 -14.60
C ASP A 102 6.06 5.25 -13.84
N VAL A 103 5.94 6.34 -14.59
CA VAL A 103 5.68 7.65 -14.04
C VAL A 103 4.53 8.26 -14.86
N ILE A 104 3.76 9.14 -14.24
CA ILE A 104 2.61 9.78 -14.86
C ILE A 104 2.82 11.28 -14.88
N HIS A 105 2.52 11.89 -16.03
CA HIS A 105 2.60 13.35 -16.20
C HIS A 105 1.21 13.92 -16.46
N THR A 106 0.90 15.08 -15.87
CA THR A 106 -0.38 15.78 -16.11
C THR A 106 -0.50 16.33 -17.54
N LEU A 107 0.62 16.82 -18.07
CA LEU A 107 0.72 17.30 -19.44
C LEU A 107 1.91 16.64 -20.14
N PRO A 108 1.84 16.40 -21.46
CA PRO A 108 3.02 15.89 -22.18
C PRO A 108 4.19 16.88 -22.16
N SER A 109 5.42 16.37 -22.21
CA SER A 109 6.63 17.21 -22.05
C SER A 109 6.96 17.92 -23.34
N GLY A 110 7.00 17.18 -24.44
CA GLY A 110 7.04 17.78 -25.77
C GLY A 110 5.78 17.60 -26.55
N LEU A 111 5.78 18.17 -27.76
CA LEU A 111 4.65 18.04 -28.69
C LEU A 111 4.44 16.58 -29.04
N PHE A 112 3.22 16.12 -28.81
CA PHE A 112 2.81 14.73 -29.02
C PHE A 112 3.56 13.72 -28.16
N GLY A 113 4.07 14.15 -27.00
CA GLY A 113 4.76 13.25 -26.08
C GLY A 113 3.82 12.34 -25.31
N SER A 114 4.41 11.32 -24.69
CA SER A 114 3.70 10.43 -23.81
C SER A 114 3.53 11.07 -22.43
N ARG A 115 2.39 10.81 -21.80
CA ARG A 115 2.11 11.16 -20.40
C ARG A 115 2.30 9.97 -19.44
N THR A 116 2.69 8.80 -19.97
CA THR A 116 2.97 7.63 -19.14
C THR A 116 4.25 6.93 -19.56
N PRO A 117 5.40 7.61 -19.43
CA PRO A 117 6.65 6.93 -19.76
C PRO A 117 7.02 5.81 -18.79
N LEU A 118 7.76 4.84 -19.31
CA LEU A 118 8.42 3.82 -18.50
C LEU A 118 9.85 4.33 -18.26
N GLN A 119 10.05 4.96 -17.12
CA GLN A 119 11.28 5.67 -16.82
C GLN A 119 12.34 4.70 -16.28
N LEU A 120 13.47 4.59 -16.98
CA LEU A 120 14.61 3.79 -16.53
C LEU A 120 15.83 4.68 -16.32
N GLY A 121 16.58 4.45 -15.26
CA GLY A 121 17.74 5.25 -14.97
C GLY A 121 18.76 4.71 -14.01
N ALA A 122 19.84 5.48 -13.88
CA ALA A 122 20.99 5.13 -13.06
C ALA A 122 21.59 6.39 -12.47
N GLU A 123 22.09 6.30 -11.25
CA GLU A 123 22.60 7.45 -10.50
C GLU A 123 23.77 7.06 -9.59
N ILE A 124 24.78 7.94 -9.53
CA ILE A 124 25.95 7.79 -8.63
C ILE A 124 25.98 8.97 -7.69
N PHE A 125 26.00 8.68 -6.39
CA PHE A 125 26.05 9.68 -5.31
C PHE A 125 27.41 9.60 -4.64
N GLY A 126 27.92 10.73 -4.15
CA GLY A 126 29.13 10.75 -3.30
C GLY A 126 30.49 10.82 -4.00
N CYS A 127 30.50 11.15 -5.29
CA CYS A 127 31.75 11.39 -6.03
C CYS A 127 31.71 12.75 -6.74
N GLU A 128 32.64 13.65 -6.37
CA GLU A 128 32.73 14.97 -7.02
C GLU A 128 33.43 14.92 -8.39
N SER A 129 34.29 13.93 -8.59
CA SER A 129 35.13 13.84 -9.79
C SER A 129 34.34 13.66 -11.09
N ILE A 130 34.92 14.17 -12.18
CA ILE A 130 34.46 13.95 -13.55
C ILE A 130 34.49 12.45 -13.93
N ALA A 131 35.25 11.64 -13.20
CA ALA A 131 35.29 10.19 -13.37
C ALA A 131 33.93 9.50 -13.17
N ALA A 132 33.10 10.03 -12.26
CA ALA A 132 31.74 9.51 -12.05
C ALA A 132 30.85 9.78 -13.26
N ASP A 133 30.97 10.97 -13.85
CA ASP A 133 30.23 11.29 -15.07
C ASP A 133 30.71 10.43 -16.23
N ILE A 134 32.03 10.26 -16.33
CA ILE A 134 32.64 9.38 -17.34
C ILE A 134 32.14 7.94 -17.23
N GLU A 135 32.02 7.43 -15.99
CA GLU A 135 31.50 6.08 -15.78
C GLU A 135 30.05 5.97 -16.27
N LEU A 136 29.21 6.96 -15.94
CA LEU A 136 27.82 6.98 -16.39
C LEU A 136 27.68 6.99 -17.91
N ILE A 137 28.54 7.74 -18.60
CA ILE A 137 28.59 7.72 -20.06
C ILE A 137 28.94 6.33 -20.59
N ASP A 138 29.89 5.66 -19.96
CA ASP A 138 30.32 4.34 -20.42
C ASP A 138 29.22 3.30 -20.20
N VAL A 139 28.46 3.44 -19.13
CA VAL A 139 27.33 2.53 -18.84
C VAL A 139 26.23 2.78 -19.86
N LEU A 140 25.83 4.03 -20.03
CA LEU A 140 24.83 4.42 -21.04
C LEU A 140 25.16 3.86 -22.41
N PHE A 141 26.37 4.10 -22.90
CA PHE A 141 26.72 3.70 -24.26
C PHE A 141 26.92 2.18 -24.40
N SER A 142 27.35 1.52 -23.34
CA SER A 142 27.33 0.06 -23.29
C SER A 142 25.89 -0.48 -23.42
N MET A 143 24.94 0.14 -22.71
CA MET A 143 23.51 -0.19 -22.86
C MET A 143 23.00 0.09 -24.26
N ILE A 144 23.30 1.27 -24.82
CA ILE A 144 22.80 1.64 -26.16
C ILE A 144 23.33 0.69 -27.21
N ASN A 145 24.63 0.39 -27.17
CA ASN A 145 25.23 -0.55 -28.11
C ASN A 145 24.68 -1.98 -27.98
N SER A 146 24.29 -2.41 -26.78
CA SER A 146 23.66 -3.75 -26.65
C SER A 146 22.32 -3.86 -27.40
N LEU A 147 21.65 -2.74 -27.64
CA LEU A 147 20.36 -2.73 -28.35
C LEU A 147 20.44 -2.94 -29.86
N ASP A 148 21.65 -2.88 -30.44
CA ASP A 148 21.86 -3.15 -31.87
C ASP A 148 20.90 -2.33 -32.74
N MET A 149 20.83 -1.04 -32.45
CA MET A 149 19.98 -0.12 -33.22
C MET A 149 20.72 0.36 -34.45
N SER A 150 19.98 0.68 -35.51
CA SER A 150 20.55 1.39 -36.65
C SER A 150 20.44 2.89 -36.43
N ALA A 151 19.48 3.31 -35.61
CA ALA A 151 19.35 4.70 -35.19
C ALA A 151 20.59 5.19 -34.45
N VAL A 152 20.99 6.42 -34.75
CA VAL A 152 22.20 6.99 -34.14
C VAL A 152 21.80 7.95 -33.02
N LEU A 153 22.50 7.85 -31.90
CA LEU A 153 22.38 8.82 -30.81
C LEU A 153 23.33 10.01 -31.03
N HIS A 154 22.79 11.23 -31.06
CA HIS A 154 23.57 12.49 -31.01
C HIS A 154 23.51 13.09 -29.61
N VAL A 155 24.65 13.50 -29.07
CA VAL A 155 24.74 14.04 -27.71
C VAL A 155 24.96 15.55 -27.70
N ASP A 156 24.15 16.26 -26.95
CA ASP A 156 24.34 17.69 -26.71
C ASP A 156 24.75 17.89 -25.26
N LEU A 157 25.92 18.49 -25.05
CA LEU A 157 26.42 18.79 -23.71
C LEU A 157 26.19 20.25 -23.37
N GLY A 158 25.85 20.49 -22.11
CA GLY A 158 25.75 21.83 -21.56
C GLY A 158 26.39 21.87 -20.20
N HIS A 159 26.32 23.01 -19.55
CA HIS A 159 26.90 23.20 -18.22
C HIS A 159 26.33 24.48 -17.60
N VAL A 160 25.38 24.31 -16.68
CA VAL A 160 24.63 25.46 -16.14
C VAL A 160 25.46 26.40 -15.26
N THR A 161 26.65 25.98 -14.82
CA THR A 161 27.50 26.78 -13.95
C THR A 161 28.04 28.02 -14.67
N ILE A 162 28.32 27.90 -15.97
CA ILE A 162 28.87 29.01 -16.75
C ILE A 162 27.91 30.20 -16.69
N PHE A 163 26.65 29.98 -17.04
CA PHE A 163 25.63 31.03 -16.95
C PHE A 163 25.38 31.49 -15.52
N LYS A 164 25.34 30.56 -14.56
CA LYS A 164 25.11 30.91 -13.15
C LYS A 164 26.18 31.81 -12.55
N ARG A 165 27.43 31.58 -12.95
CA ARG A 165 28.58 32.39 -12.50
C ARG A 165 28.59 33.77 -13.16
N LEU A 166 28.30 33.82 -14.46
CA LEU A 166 28.15 35.10 -15.15
C LEU A 166 27.03 35.93 -14.51
N ALA A 167 25.90 35.30 -14.22
CA ALA A 167 24.78 35.96 -13.54
C ALA A 167 25.16 36.50 -12.15
N GLU A 168 26.01 35.77 -11.42
CA GLU A 168 26.57 36.27 -10.15
C GLU A 168 27.51 37.47 -10.34
N LEU A 169 28.51 37.33 -11.20
CA LEU A 169 29.50 38.38 -11.44
C LEU A 169 28.88 39.66 -12.01
N ALA A 170 27.94 39.50 -12.95
CA ALA A 170 27.16 40.61 -13.49
C ALA A 170 26.09 41.16 -12.55
N ALA A 171 25.79 40.43 -11.47
CA ALA A 171 24.83 40.83 -10.45
C ALA A 171 23.43 41.04 -11.05
N LEU A 172 22.99 40.08 -11.87
CA LEU A 172 21.70 40.17 -12.56
C LEU A 172 20.53 40.03 -11.60
N SER A 173 19.48 40.83 -11.84
CA SER A 173 18.21 40.68 -11.16
C SER A 173 17.48 39.43 -11.68
N ALA A 174 16.44 39.00 -10.95
CA ALA A 174 15.68 37.81 -11.31
C ALA A 174 14.97 37.95 -12.66
N SER A 175 14.36 39.11 -12.89
CA SER A 175 13.67 39.39 -14.16
C SER A 175 14.63 39.44 -15.36
N ASP A 176 15.84 39.94 -15.14
CA ASP A 176 16.90 39.91 -16.18
C ASP A 176 17.36 38.49 -16.46
N THR A 177 17.54 37.70 -15.41
CA THR A 177 17.86 36.27 -15.53
C THR A 177 16.76 35.53 -16.30
N GLU A 178 15.50 35.77 -15.92
CA GLU A 178 14.35 35.12 -16.57
C GLU A 178 14.16 35.52 -18.05
N GLN A 179 14.53 36.75 -18.41
CA GLN A 179 14.43 37.21 -19.79
C GLN A 179 15.49 36.55 -20.68
N LEU A 180 16.73 36.54 -20.20
CA LEU A 180 17.82 35.87 -20.91
C LEU A 180 17.55 34.38 -21.11
N MET A 181 17.01 33.72 -20.10
CA MET A 181 16.64 32.30 -20.20
C MET A 181 15.57 32.03 -21.26
N GLN A 182 14.59 32.94 -21.37
CA GLN A 182 13.59 32.88 -22.45
C GLN A 182 14.23 33.08 -23.83
N LEU A 183 15.09 34.09 -23.94
CA LEU A 183 15.80 34.37 -25.19
C LEU A 183 16.76 33.25 -25.59
N TYR A 184 17.46 32.69 -24.60
CA TYR A 184 18.29 31.50 -24.82
C TYR A 184 17.47 30.29 -25.23
N ALA A 185 16.37 30.04 -24.54
CA ALA A 185 15.45 28.93 -24.87
C ALA A 185 14.97 29.00 -26.33
N ASN A 186 14.76 30.22 -26.83
CA ASN A 186 14.28 30.45 -28.19
C ASN A 186 15.38 30.79 -29.22
N LYS A 187 16.65 30.78 -28.80
CA LYS A 187 17.80 31.38 -29.52
C LYS A 187 17.51 32.63 -30.33
N ASN A 188 16.81 33.55 -29.68
CA ASN A 188 16.46 34.83 -30.28
C ASN A 188 17.71 35.72 -30.25
N LEU A 189 18.59 35.53 -31.22
CA LEU A 189 19.89 36.23 -31.25
C LEU A 189 19.77 37.74 -31.43
N PRO A 190 18.93 38.21 -32.37
CA PRO A 190 18.76 39.66 -32.53
C PRO A 190 18.29 40.38 -31.27
N GLU A 191 17.20 39.90 -30.65
CA GLU A 191 16.69 40.50 -29.43
C GLU A 191 17.61 40.29 -28.22
N LEU A 192 18.37 39.20 -28.23
CA LEU A 192 19.42 38.98 -27.23
C LEU A 192 20.52 40.03 -27.39
N LYS A 193 20.91 40.31 -28.64
CA LYS A 193 21.88 41.37 -28.95
C LYS A 193 21.43 42.71 -28.40
N GLN A 194 20.15 43.04 -28.60
CA GLN A 194 19.55 44.28 -28.11
C GLN A 194 19.63 44.39 -26.59
N VAL A 195 19.12 43.37 -25.89
CA VAL A 195 19.07 43.38 -24.41
C VAL A 195 20.46 43.43 -23.78
N CYS A 196 21.42 42.74 -24.40
CA CYS A 196 22.80 42.69 -23.88
C CYS A 196 23.60 44.00 -24.03
N GLN A 197 23.16 44.91 -24.90
CA GLN A 197 23.82 46.22 -25.01
C GLN A 197 23.63 47.11 -23.77
N VAL A 198 22.58 46.87 -22.99
CA VAL A 198 22.29 47.64 -21.76
C VAL A 198 22.51 46.89 -20.44
N LEU A 199 22.79 45.58 -20.50
CA LEU A 199 23.05 44.78 -19.29
C LEU A 199 24.53 44.83 -18.90
N PRO A 200 24.85 44.65 -17.60
CA PRO A 200 26.25 44.54 -17.17
C PRO A 200 26.86 43.20 -17.61
N MET A 201 28.10 43.23 -18.10
CA MET A 201 28.75 42.09 -18.77
C MET A 201 27.87 41.51 -19.87
N GLY A 202 27.16 42.37 -20.59
CA GLY A 202 26.19 41.97 -21.59
C GLY A 202 26.81 41.15 -22.72
N SER A 203 27.97 41.56 -23.19
CA SER A 203 28.68 40.87 -24.26
C SER A 203 29.05 39.41 -23.94
N ASP A 204 29.23 39.11 -22.65
CA ASP A 204 29.44 37.71 -22.22
C ASP A 204 28.18 36.87 -22.44
N PHE A 205 27.02 37.40 -22.06
CA PHE A 205 25.74 36.72 -22.27
C PHE A 205 25.39 36.56 -23.74
N TYR A 206 25.81 37.52 -24.57
CA TYR A 206 25.66 37.37 -26.01
C TYR A 206 26.62 36.30 -26.56
N THR A 207 27.85 36.29 -26.06
CA THR A 207 28.89 35.35 -26.49
C THR A 207 28.49 33.88 -26.23
N LEU A 208 27.85 33.60 -25.09
CA LEU A 208 27.40 32.24 -24.79
C LEU A 208 26.52 31.71 -25.91
N ALA A 209 25.45 32.46 -26.21
CA ALA A 209 24.51 32.07 -27.27
C ALA A 209 25.15 32.02 -28.66
N ARG A 210 25.93 33.04 -29.01
CA ARG A 210 26.50 33.16 -30.36
C ARG A 210 27.64 32.20 -30.63
N PHE A 211 28.53 32.02 -29.66
CA PHE A 211 29.77 31.26 -29.82
C PHE A 211 29.95 30.08 -28.87
N GLY A 212 28.96 29.78 -28.02
CA GLY A 212 29.06 28.67 -27.07
C GLY A 212 29.26 27.29 -27.68
N HIS A 213 28.83 27.10 -28.93
CA HIS A 213 29.10 25.88 -29.70
C HIS A 213 30.59 25.55 -29.90
N ASP A 214 31.42 26.59 -30.04
CA ASP A 214 32.87 26.46 -30.26
C ASP A 214 33.59 26.47 -28.91
N ILE A 215 33.51 25.36 -28.19
CA ILE A 215 33.98 25.27 -26.79
C ILE A 215 35.50 25.40 -26.61
N ALA A 216 36.28 25.00 -27.61
CA ALA A 216 37.74 25.14 -27.58
C ALA A 216 38.17 26.60 -27.42
N ASN A 217 37.46 27.51 -28.10
CA ASN A 217 37.76 28.95 -28.08
C ASN A 217 36.85 29.79 -27.19
N LEU A 218 35.97 29.18 -26.39
CA LEU A 218 34.95 29.97 -25.66
C LEU A 218 35.54 30.81 -24.54
N LEU A 219 36.50 30.25 -23.80
CA LEU A 219 37.15 30.99 -22.72
C LEU A 219 37.82 32.26 -23.22
N GLY A 220 38.49 32.17 -24.37
CA GLY A 220 39.18 33.31 -25.01
C GLY A 220 38.29 34.39 -25.64
N ARG A 221 37.00 34.09 -25.79
CA ARG A 221 36.00 35.09 -26.21
C ARG A 221 35.32 35.82 -25.03
N LEU A 222 35.54 35.35 -23.80
CA LEU A 222 34.93 35.97 -22.62
C LEU A 222 35.76 37.12 -22.07
N SER A 223 35.11 37.93 -21.24
CA SER A 223 35.72 39.10 -20.62
C SER A 223 36.72 38.67 -19.55
N GLU A 224 37.66 39.57 -19.26
CA GLU A 224 38.75 39.35 -18.28
C GLU A 224 38.25 38.92 -16.89
N ASN A 225 37.13 39.48 -16.45
CA ASN A 225 36.52 39.07 -15.17
C ASN A 225 36.05 37.61 -15.23
N ALA A 226 35.39 37.24 -16.33
CA ALA A 226 34.94 35.86 -16.55
C ALA A 226 36.09 34.86 -16.71
N GLN A 227 37.15 35.26 -17.43
CA GLN A 227 38.34 34.41 -17.60
C GLN A 227 39.12 34.18 -16.30
N GLN A 228 38.97 35.10 -15.33
CA GLN A 228 39.60 34.97 -14.01
C GLN A 228 38.76 34.17 -13.00
N ASP A 229 37.51 33.86 -13.36
CA ASP A 229 36.64 33.07 -12.49
C ASP A 229 36.98 31.59 -12.57
N THR A 230 37.39 31.03 -11.43
CA THR A 230 37.79 29.62 -11.32
C THR A 230 36.71 28.63 -11.75
N LYS A 231 35.45 28.93 -11.46
CA LYS A 231 34.35 28.02 -11.73
C LYS A 231 33.97 27.96 -13.22
N ILE A 232 34.11 29.09 -13.91
CA ILE A 232 33.89 29.14 -15.38
C ILE A 232 34.99 28.36 -16.11
N VAL A 233 36.25 28.60 -15.74
CA VAL A 233 37.38 27.88 -16.37
C VAL A 233 37.28 26.35 -16.22
N THR A 234 36.88 25.89 -15.04
CA THR A 234 36.71 24.45 -14.77
C THR A 234 35.52 23.83 -15.50
N ALA A 235 34.39 24.55 -15.53
CA ALA A 235 33.18 24.09 -16.23
C ALA A 235 33.44 23.90 -17.73
N ILE A 236 34.10 24.88 -18.34
CA ILE A 236 34.54 24.79 -19.74
C ILE A 236 35.50 23.61 -19.95
N ASP A 237 36.43 23.43 -19.00
CA ASP A 237 37.37 22.29 -19.03
C ASP A 237 36.66 20.92 -18.96
N GLU A 238 35.67 20.79 -18.09
CA GLU A 238 34.84 19.58 -18.00
C GLU A 238 34.12 19.27 -19.32
N LEU A 239 33.56 20.30 -19.96
CA LEU A 239 32.94 20.15 -21.30
C LEU A 239 33.89 19.58 -22.35
N GLN A 240 35.11 20.10 -22.38
CA GLN A 240 36.15 19.64 -23.32
C GLN A 240 36.57 18.19 -23.04
N ARG A 241 36.69 17.85 -21.76
CA ARG A 241 37.02 16.48 -21.34
C ARG A 241 35.96 15.44 -21.74
N LEU A 242 34.70 15.73 -21.44
CA LEU A 242 33.60 14.83 -21.82
C LEU A 242 33.38 14.76 -23.33
N LYS A 243 33.53 15.88 -24.03
CA LYS A 243 33.43 15.89 -25.49
C LYS A 243 34.45 14.93 -26.10
N ALA A 244 35.72 15.10 -25.73
CA ALA A 244 36.82 14.24 -26.16
C ALA A 244 36.57 12.75 -25.83
N HIS A 245 36.21 12.46 -24.59
CA HIS A 245 35.88 11.08 -24.19
C HIS A 245 34.77 10.47 -25.07
N LEU A 246 33.74 11.25 -25.38
CA LEU A 246 32.66 10.77 -26.24
C LEU A 246 33.09 10.48 -27.68
N GLN A 247 33.89 11.38 -28.26
CA GLN A 247 34.39 11.22 -29.64
C GLN A 247 35.35 10.04 -29.76
N VAL A 248 36.31 9.96 -28.84
CA VAL A 248 37.40 8.98 -28.91
C VAL A 248 36.97 7.57 -28.48
N GLN A 249 36.41 7.45 -27.27
CA GLN A 249 35.96 6.15 -26.75
C GLN A 249 34.73 5.63 -27.50
N TRP A 250 33.83 6.50 -27.91
CA TRP A 250 32.52 6.05 -28.42
C TRP A 250 32.15 6.49 -29.85
N GLN A 251 33.04 7.15 -30.58
CA GLN A 251 32.73 7.62 -31.96
C GLN A 251 31.40 8.41 -32.01
N CYS A 252 31.18 9.25 -31.00
CA CYS A 252 29.91 9.92 -30.79
C CYS A 252 30.01 11.37 -31.22
N ALA A 253 29.08 11.79 -32.09
CA ALA A 253 28.93 13.19 -32.48
C ALA A 253 28.46 13.97 -31.27
N VAL A 254 29.19 15.03 -30.92
CA VAL A 254 28.88 15.88 -29.79
C VAL A 254 28.72 17.31 -30.27
N SER A 255 27.66 17.96 -29.82
CA SER A 255 27.51 19.40 -29.90
C SER A 255 27.54 19.93 -28.48
N ILE A 256 27.86 21.21 -28.35
CA ILE A 256 27.93 21.92 -27.08
C ILE A 256 26.88 23.00 -27.12
N ASP A 257 26.15 23.17 -26.02
CA ASP A 257 25.27 24.33 -25.86
C ASP A 257 25.26 24.77 -24.41
N VAL A 258 26.02 25.82 -24.11
CA VAL A 258 26.11 26.37 -22.75
C VAL A 258 24.91 27.24 -22.37
N THR A 259 23.97 27.46 -23.30
CA THR A 259 22.71 28.14 -23.02
C THR A 259 21.55 27.16 -22.81
N GLU A 260 21.85 25.86 -22.77
CA GLU A 260 20.89 24.84 -22.38
C GLU A 260 20.63 24.90 -20.88
N LEU A 261 19.55 25.57 -20.48
CA LEU A 261 19.25 25.85 -19.07
C LEU A 261 17.88 25.33 -18.60
N SER A 262 17.34 24.31 -19.28
CA SER A 262 16.25 23.48 -18.74
C SER A 262 16.65 22.93 -17.38
N GLY A 263 15.72 22.89 -16.43
CA GLY A 263 16.04 22.42 -15.09
C GLY A 263 17.15 23.23 -14.44
N TYR A 264 17.06 24.55 -14.61
CA TYR A 264 17.92 25.52 -13.92
C TYR A 264 17.89 25.28 -12.41
N HIS A 265 16.68 24.96 -11.92
CA HIS A 265 16.43 24.66 -10.51
C HIS A 265 17.31 23.53 -9.94
N TYR A 266 17.30 22.37 -10.60
CA TYR A 266 17.92 21.16 -10.03
C TYR A 266 19.34 20.84 -10.55
N HIS A 267 19.67 21.18 -11.80
CA HIS A 267 21.04 20.92 -12.28
C HIS A 267 22.06 21.86 -11.61
N THR A 268 23.21 21.30 -11.27
CA THR A 268 24.27 21.98 -10.55
C THR A 268 25.56 22.06 -11.33
N GLY A 269 25.56 21.61 -12.59
CA GLY A 269 26.79 21.52 -13.36
C GLY A 269 26.61 21.05 -14.79
N ILE A 270 27.44 20.10 -15.21
CA ILE A 270 27.35 19.46 -16.52
C ILE A 270 25.90 18.88 -16.75
N VAL A 271 25.41 19.02 -17.99
CA VAL A 271 24.16 18.41 -18.42
C VAL A 271 24.34 17.73 -19.77
N PHE A 272 23.56 16.67 -19.96
CA PHE A 272 23.68 15.76 -21.07
C PHE A 272 22.27 15.57 -21.67
N ASN A 273 22.14 15.73 -22.97
CA ASN A 273 20.88 15.43 -23.67
C ASN A 273 21.20 14.57 -24.88
N GLY A 274 20.65 13.36 -24.89
CA GLY A 274 20.89 12.39 -25.97
C GLY A 274 19.69 12.36 -26.89
N TYR A 275 19.91 12.71 -28.15
CA TYR A 275 18.86 12.74 -29.16
C TYR A 275 18.95 11.50 -30.04
N ILE A 276 17.78 10.97 -30.41
CA ILE A 276 17.69 9.77 -31.24
C ILE A 276 17.24 10.21 -32.64
N ASN A 277 18.07 9.91 -33.64
CA ASN A 277 17.96 10.47 -34.99
C ASN A 277 17.66 11.98 -34.94
N SER A 278 16.50 12.41 -35.45
CA SER A 278 16.14 13.83 -35.48
C SER A 278 14.87 14.08 -34.70
N GLU A 279 14.61 13.26 -33.68
CA GLU A 279 13.42 13.42 -32.85
C GLU A 279 13.66 14.57 -31.87
N THR A 280 12.63 15.40 -31.71
CA THR A 280 12.70 16.65 -30.97
C THR A 280 13.06 16.52 -29.50
N GLN A 281 12.35 15.65 -28.78
CA GLN A 281 12.61 15.46 -27.35
C GLN A 281 13.76 14.50 -27.13
N PRO A 282 14.68 14.83 -26.22
CA PRO A 282 15.78 13.91 -25.92
C PRO A 282 15.26 12.54 -25.51
N LEU A 283 15.92 11.50 -26.01
CA LEU A 283 15.71 10.14 -25.53
C LEU A 283 16.33 10.01 -24.14
N VAL A 284 17.55 10.53 -23.95
CA VAL A 284 18.23 10.46 -22.66
C VAL A 284 18.45 11.87 -22.10
N ARG A 285 18.12 12.07 -20.82
CA ARG A 285 18.39 13.32 -20.11
C ARG A 285 19.24 12.98 -18.90
N GLY A 286 20.31 13.74 -18.67
CA GLY A 286 21.19 13.50 -17.53
C GLY A 286 22.03 14.69 -17.10
N GLY A 287 22.65 14.60 -15.93
CA GLY A 287 23.56 15.62 -15.46
C GLY A 287 23.86 15.58 -13.99
N ARG A 288 24.67 16.54 -13.54
CA ARG A 288 24.95 16.76 -12.11
C ARG A 288 23.77 17.40 -11.43
N PHE A 289 23.48 16.95 -10.21
CA PHE A 289 22.42 17.55 -9.39
C PHE A 289 22.81 17.42 -7.92
N ASP A 290 22.00 17.97 -7.03
CA ASP A 290 22.27 17.97 -5.58
C ASP A 290 21.54 16.80 -4.96
N PRO A 302 25.84 18.21 2.39
CA PRO A 302 26.21 18.45 1.00
C PRO A 302 26.73 17.16 0.33
N ARG A 303 26.01 16.67 -0.67
CA ARG A 303 26.24 15.36 -1.27
C ARG A 303 26.15 15.45 -2.78
N GLN A 304 27.22 15.04 -3.46
CA GLN A 304 27.30 15.07 -4.92
C GLN A 304 26.39 13.99 -5.51
N ALA A 305 25.81 14.27 -6.67
CA ALA A 305 25.03 13.29 -7.41
C ALA A 305 25.12 13.54 -8.89
N THR A 306 25.22 12.47 -9.66
CA THR A 306 25.06 12.53 -11.10
C THR A 306 24.24 11.31 -11.62
N GLY A 307 23.57 11.48 -12.75
CA GLY A 307 22.66 10.45 -13.22
C GLY A 307 22.03 10.75 -14.55
N PHE A 308 21.40 9.73 -15.14
CA PHE A 308 20.59 9.89 -16.34
C PHE A 308 19.31 9.05 -16.23
N SER A 309 18.34 9.38 -17.07
CA SER A 309 17.18 8.54 -17.27
C SER A 309 16.68 8.59 -18.70
N MET A 310 15.82 7.63 -19.05
CA MET A 310 15.20 7.53 -20.37
C MET A 310 13.85 6.82 -20.30
N ASP A 311 13.02 7.05 -21.33
CA ASP A 311 11.74 6.36 -21.50
C ASP A 311 11.97 5.13 -22.34
N VAL A 312 11.93 3.97 -21.69
CA VAL A 312 12.12 2.68 -22.36
C VAL A 312 11.14 2.49 -23.52
N SER A 313 9.92 3.03 -23.41
CA SER A 313 8.92 2.88 -24.48
C SER A 313 9.32 3.56 -25.78
N ARG A 314 10.16 4.60 -25.72
CA ARG A 314 10.69 5.23 -26.94
C ARG A 314 11.74 4.42 -27.69
N LEU A 315 12.31 3.41 -27.05
CA LEU A 315 13.22 2.48 -27.75
C LEU A 315 12.52 1.47 -28.67
N LEU A 316 11.21 1.27 -28.47
CA LEU A 316 10.45 0.22 -29.18
C LEU A 316 10.49 0.39 -30.69
N ALA A 317 10.34 1.61 -31.17
CA ALA A 317 10.39 1.86 -32.63
C ALA A 317 11.80 1.68 -33.26
N HIS A 318 12.85 1.55 -32.44
CA HIS A 318 14.24 1.50 -32.91
C HIS A 318 14.95 0.18 -32.61
N THR A 319 14.21 -0.79 -32.11
CA THR A 319 14.77 -2.09 -31.75
C THR A 319 13.91 -3.20 -32.33
N GLN A 320 14.53 -4.36 -32.48
CA GLN A 320 13.90 -5.54 -33.01
C GLN A 320 14.36 -6.75 -32.21
N LEU A 321 13.44 -7.66 -31.92
CA LEU A 321 13.78 -8.98 -31.41
C LEU A 321 13.75 -9.99 -32.56
N ASP A 322 14.38 -11.13 -32.32
CA ASP A 322 14.21 -12.28 -33.21
C ASP A 322 12.74 -12.68 -33.29
N ALA A 323 12.33 -13.11 -34.48
CA ALA A 323 10.95 -13.53 -34.70
C ALA A 323 10.59 -14.67 -33.72
N PRO A 324 9.38 -14.61 -33.13
CA PRO A 324 9.01 -15.66 -32.16
C PRO A 324 8.61 -16.96 -32.85
N PHE A 325 8.81 -18.07 -32.16
CA PHE A 325 8.32 -19.38 -32.58
C PHE A 325 6.98 -19.65 -31.89
N ILE A 326 5.91 -19.67 -32.69
CA ILE A 326 4.53 -19.78 -32.21
C ILE A 326 3.94 -21.10 -32.71
N VAL A 327 3.73 -22.03 -31.77
CA VAL A 327 3.42 -23.44 -32.05
C VAL A 327 1.99 -23.78 -31.60
N LEU A 328 1.29 -24.53 -32.45
CA LEU A 328 -0.03 -25.09 -32.14
C LEU A 328 0.02 -26.62 -32.20
N ILE A 329 -0.41 -27.26 -31.12
CA ILE A 329 -0.57 -28.70 -31.08
C ILE A 329 -1.86 -29.06 -31.84
N ASP A 330 -1.79 -30.13 -32.63
CA ASP A 330 -2.95 -30.65 -33.37
C ASP A 330 -4.05 -31.10 -32.39
N TYR A 331 -5.23 -30.49 -32.48
CA TYR A 331 -6.35 -30.79 -31.59
C TYR A 331 -6.77 -32.26 -31.66
N ASP A 332 -7.01 -32.73 -32.88
CA ASP A 332 -7.51 -34.09 -33.12
C ASP A 332 -6.52 -35.15 -32.60
N ALA A 333 -5.26 -35.05 -33.03
CA ALA A 333 -4.23 -35.99 -32.62
C ALA A 333 -4.03 -36.05 -31.09
N PHE A 334 -4.06 -34.89 -30.43
CA PHE A 334 -3.92 -34.84 -28.96
C PHE A 334 -5.05 -35.57 -28.23
N ASN A 335 -6.28 -35.39 -28.69
CA ASN A 335 -7.45 -36.07 -28.09
C ASN A 335 -7.51 -37.58 -28.37
N ASN A 336 -6.86 -38.04 -29.44
CA ASN A 336 -6.70 -39.49 -29.70
C ASN A 336 -5.75 -40.23 -28.74
N LEU A 337 -4.97 -39.48 -27.96
CA LEU A 337 -3.96 -40.07 -27.09
C LEU A 337 -4.55 -40.70 -25.82
N ASP A 338 -3.95 -41.81 -25.38
CA ASP A 338 -4.20 -42.34 -24.03
C ASP A 338 -3.50 -41.48 -22.98
N SER A 339 -3.76 -41.73 -21.71
CA SER A 339 -3.22 -40.90 -20.62
C SER A 339 -1.68 -40.83 -20.59
N ALA A 340 -1.03 -41.98 -20.78
CA ALA A 340 0.43 -42.06 -20.79
C ALA A 340 1.04 -41.29 -21.97
N GLN A 341 0.40 -41.42 -23.14
CA GLN A 341 0.78 -40.63 -24.32
C GLN A 341 0.64 -39.11 -24.09
N ARG A 342 -0.42 -38.69 -23.39
CA ARG A 342 -0.63 -37.27 -23.08
C ARG A 342 0.45 -36.74 -22.15
N GLN A 343 0.80 -37.51 -21.13
CA GLN A 343 1.85 -37.10 -20.20
C GLN A 343 3.23 -36.98 -20.88
N LEU A 344 3.52 -37.90 -21.80
CA LEU A 344 4.74 -37.78 -22.62
C LEU A 344 4.72 -36.54 -23.50
N LEU A 345 3.59 -36.27 -24.12
CA LEU A 345 3.43 -35.05 -24.94
C LEU A 345 3.59 -33.78 -24.10
N LEU A 346 3.00 -33.75 -22.92
CA LEU A 346 3.13 -32.58 -22.03
C LEU A 346 4.57 -32.36 -21.52
N GLN A 347 5.29 -33.45 -21.27
CA GLN A 347 6.73 -33.40 -20.95
C GLN A 347 7.54 -32.75 -22.08
N GLN A 348 7.23 -33.17 -23.32
CA GLN A 348 7.82 -32.61 -24.52
C GLN A 348 7.48 -31.12 -24.66
N VAL A 349 6.21 -30.77 -24.42
CA VAL A 349 5.75 -29.38 -24.51
C VAL A 349 6.45 -28.51 -23.46
N ALA A 350 6.58 -29.02 -22.23
CA ALA A 350 7.30 -28.29 -21.15
C ALA A 350 8.74 -27.98 -21.55
N SER A 351 9.40 -28.95 -22.17
CA SER A 351 10.77 -28.74 -22.67
C SER A 351 10.84 -27.68 -23.81
N LEU A 352 9.90 -27.73 -24.75
CA LEU A 352 9.81 -26.69 -25.79
C LEU A 352 9.61 -25.31 -25.19
N ARG A 353 8.72 -25.22 -24.21
CA ARG A 353 8.46 -23.92 -23.53
C ARG A 353 9.67 -23.38 -22.75
N GLN A 354 10.41 -24.27 -22.10
CA GLN A 354 11.69 -23.96 -21.43
C GLN A 354 12.68 -23.32 -22.43
N GLN A 355 12.68 -23.79 -23.67
CA GLN A 355 13.51 -23.22 -24.75
C GLN A 355 12.96 -21.92 -25.36
N GLY A 356 11.81 -21.43 -24.91
CA GLY A 356 11.23 -20.18 -25.41
C GLY A 356 10.19 -20.33 -26.51
N TYR A 357 9.88 -21.54 -26.96
CA TYR A 357 8.75 -21.75 -27.87
C TYR A 357 7.44 -21.36 -27.17
N ARG A 358 6.56 -20.73 -27.93
CA ARG A 358 5.25 -20.36 -27.46
C ARG A 358 4.23 -21.39 -27.95
N VAL A 359 3.83 -22.29 -27.06
CA VAL A 359 3.06 -23.48 -27.42
C VAL A 359 1.65 -23.39 -26.83
N THR A 360 0.67 -23.42 -27.72
CA THR A 360 -0.75 -23.41 -27.38
C THR A 360 -1.28 -24.84 -27.40
N MET A 361 -1.82 -25.28 -26.27
CA MET A 361 -2.67 -26.48 -26.16
C MET A 361 -4.09 -26.07 -26.59
N PRO A 362 -4.58 -26.56 -27.74
CA PRO A 362 -5.89 -26.06 -28.24
C PRO A 362 -7.09 -26.53 -27.41
N LEU A 363 -8.03 -25.62 -27.19
CA LEU A 363 -9.28 -25.93 -26.48
C LEU A 363 -10.31 -26.52 -27.43
N THR A 364 -10.31 -26.04 -28.68
CA THR A 364 -11.19 -26.50 -29.74
C THR A 364 -10.39 -26.66 -31.03
N ALA A 365 -11.02 -27.30 -32.02
CA ALA A 365 -10.47 -27.48 -33.36
C ALA A 365 -10.22 -26.17 -34.12
N GLU A 366 -10.82 -25.07 -33.69
CA GLU A 366 -10.64 -23.74 -34.29
C GLU A 366 -9.62 -22.86 -33.54
N ASP A 367 -9.29 -23.21 -32.30
CA ASP A 367 -8.32 -22.48 -31.47
C ASP A 367 -6.98 -22.31 -32.20
N MET A 368 -6.72 -21.09 -32.65
CA MET A 368 -5.50 -20.76 -33.38
C MET A 368 -4.80 -19.54 -32.76
N PRO A 369 -3.53 -19.67 -32.34
CA PRO A 369 -2.81 -18.49 -31.86
C PRO A 369 -2.48 -17.49 -32.98
N VAL A 370 -2.40 -16.22 -32.60
CA VAL A 370 -2.05 -15.12 -33.52
C VAL A 370 -0.61 -15.35 -33.95
N GLY A 371 -0.34 -15.22 -35.25
CA GLY A 371 1.01 -15.30 -35.78
C GLY A 371 1.62 -16.69 -35.80
N LEU A 372 0.79 -17.70 -36.00
CA LEU A 372 1.22 -19.11 -36.05
C LEU A 372 2.38 -19.33 -37.03
N THR A 373 3.49 -19.88 -36.53
CA THR A 373 4.64 -20.25 -37.36
C THR A 373 4.80 -21.75 -37.57
N HIS A 374 4.37 -22.55 -36.60
CA HIS A 374 4.59 -24.00 -36.61
C HIS A 374 3.43 -24.79 -36.03
N ARG A 375 3.26 -26.02 -36.50
CA ARG A 375 2.35 -26.98 -35.89
C ARG A 375 3.18 -28.11 -35.29
N LEU A 376 2.75 -28.60 -34.14
CA LEU A 376 3.31 -29.80 -33.56
C LEU A 376 2.34 -30.93 -33.93
N SER A 377 2.81 -31.82 -34.80
CA SER A 377 1.95 -32.84 -35.44
C SER A 377 2.45 -34.24 -35.16
N LEU A 378 1.52 -35.19 -35.09
CA LEU A 378 1.86 -36.59 -34.88
C LEU A 378 1.99 -37.31 -36.21
N ALA A 379 3.16 -37.91 -36.45
CA ALA A 379 3.39 -38.84 -37.55
C ALA A 379 4.10 -40.07 -36.99
N ASP A 380 3.51 -41.25 -37.20
CA ASP A 380 4.03 -42.55 -36.71
C ASP A 380 4.66 -42.52 -35.30
N ASN A 381 3.80 -42.29 -34.30
CA ASN A 381 4.19 -42.25 -32.89
C ASN A 381 5.32 -41.23 -32.55
N GLN A 382 5.39 -40.13 -33.31
CA GLN A 382 6.40 -39.09 -33.11
C GLN A 382 5.80 -37.69 -33.30
N TRP A 383 5.95 -36.85 -32.28
CA TRP A 383 5.53 -35.45 -32.37
C TRP A 383 6.68 -34.60 -32.90
N ARG A 384 6.54 -34.09 -34.13
CA ARG A 384 7.56 -33.23 -34.76
C ARG A 384 6.99 -31.84 -35.09
N LEU A 385 7.88 -30.84 -35.11
CA LEU A 385 7.53 -29.47 -35.49
C LEU A 385 7.63 -29.32 -36.99
N HIS A 386 6.58 -28.78 -37.61
CA HIS A 386 6.56 -28.48 -39.05
C HIS A 386 6.20 -27.02 -39.22
N ALA A 387 6.91 -26.29 -40.08
CA ALA A 387 6.55 -24.91 -40.42
C ALA A 387 5.25 -24.89 -41.22
N VAL A 388 4.43 -23.87 -41.01
CA VAL A 388 3.15 -23.71 -41.74
C VAL A 388 3.35 -23.13 -43.14
N MET B 2 8.35 9.09 6.01
CA MET B 2 7.16 8.22 6.28
C MET B 2 6.29 8.09 5.02
N LEU B 3 6.12 6.86 4.55
CA LEU B 3 5.22 6.57 3.43
C LEU B 3 3.79 6.40 3.95
N PRO B 4 2.77 6.55 3.08
CA PRO B 4 1.39 6.25 3.49
C PRO B 4 1.18 4.77 3.85
N ASP B 5 0.18 4.49 4.67
CA ASP B 5 -0.13 3.12 5.05
C ASP B 5 -0.39 2.29 3.80
N GLY B 6 0.09 1.06 3.81
CA GLY B 6 0.01 0.19 2.65
C GLY B 6 0.88 0.57 1.46
N VAL B 7 1.94 1.34 1.71
CA VAL B 7 2.84 1.78 0.67
C VAL B 7 4.27 1.60 1.22
N ALA B 8 5.08 0.83 0.50
CA ALA B 8 6.41 0.48 0.95
C ALA B 8 7.36 0.51 -0.23
N ASP B 9 8.58 0.97 0.00
CA ASP B 9 9.69 0.74 -0.93
C ASP B 9 9.96 -0.75 -1.04
N VAL B 10 10.40 -1.21 -2.21
CA VAL B 10 10.97 -2.54 -2.35
C VAL B 10 12.41 -2.29 -2.77
N LEU B 11 13.35 -2.64 -1.90
CA LEU B 11 14.75 -2.21 -2.03
C LEU B 11 15.73 -3.36 -2.20
N PHE B 12 16.71 -3.14 -3.06
CA PHE B 12 17.96 -3.89 -3.05
C PHE B 12 17.74 -5.35 -3.48
N GLU B 13 18.05 -6.34 -2.65
CA GLU B 13 17.87 -7.75 -3.07
C GLU B 13 16.40 -8.09 -3.29
N ASP B 14 15.50 -7.50 -2.50
CA ASP B 14 14.06 -7.66 -2.72
C ASP B 14 13.64 -7.07 -4.06
N ALA B 15 14.19 -5.90 -4.42
CA ALA B 15 13.87 -5.29 -5.72
C ALA B 15 14.36 -6.18 -6.86
N HIS B 16 15.57 -6.72 -6.72
CA HIS B 16 16.10 -7.62 -7.73
C HIS B 16 15.22 -8.88 -7.83
N LYS B 17 14.81 -9.40 -6.69
CA LYS B 17 13.95 -10.59 -6.67
C LYS B 17 12.60 -10.29 -7.35
N GLN B 18 12.00 -9.16 -7.01
CA GLN B 18 10.76 -8.73 -7.64
C GLN B 18 10.87 -8.63 -9.16
N GLU B 19 11.96 -8.06 -9.64
CA GLU B 19 12.25 -7.92 -11.08
C GLU B 19 12.42 -9.29 -11.75
N VAL B 20 13.11 -10.21 -11.06
CA VAL B 20 13.27 -11.57 -11.57
C VAL B 20 11.89 -12.28 -11.63
N LEU B 21 11.10 -12.21 -10.56
CA LEU B 21 9.78 -12.81 -10.53
C LEU B 21 8.87 -12.24 -11.63
N ARG B 22 8.81 -10.91 -11.73
CA ARG B 22 7.96 -10.28 -12.73
C ARG B 22 8.34 -10.79 -14.13
N HIS B 23 9.63 -10.79 -14.42
CA HIS B 23 10.13 -11.22 -15.74
C HIS B 23 9.90 -12.70 -16.03
N GLN B 24 10.25 -13.56 -15.08
CA GLN B 24 10.17 -15.01 -15.28
C GLN B 24 8.72 -15.51 -15.38
N LEU B 25 7.83 -14.96 -14.56
CA LEU B 25 6.41 -15.34 -14.59
C LEU B 25 5.75 -14.87 -15.88
N THR B 26 6.09 -13.67 -16.33
CA THR B 26 5.60 -13.12 -17.59
C THR B 26 6.04 -13.97 -18.74
N GLN B 27 7.36 -14.28 -18.81
CA GLN B 27 7.88 -15.15 -19.86
C GLN B 27 7.19 -16.54 -19.90
N GLN B 28 6.94 -17.12 -18.73
CA GLN B 28 6.22 -18.40 -18.66
C GLN B 28 4.82 -18.30 -19.27
N LEU B 29 4.08 -17.26 -18.90
CA LEU B 29 2.76 -16.98 -19.46
C LEU B 29 2.82 -16.88 -20.99
N ILE B 30 3.85 -16.19 -21.50
CA ILE B 30 4.02 -16.05 -22.95
C ILE B 30 4.25 -17.40 -23.61
N THR B 31 5.03 -18.27 -22.98
CA THR B 31 5.31 -19.60 -23.56
C THR B 31 4.10 -20.54 -23.55
N HIS B 32 3.11 -20.25 -22.70
CA HIS B 32 1.84 -20.97 -22.65
C HIS B 32 0.82 -20.41 -23.66
N GLY B 33 1.24 -19.41 -24.44
CA GLY B 33 0.44 -18.86 -25.53
C GLY B 33 -0.40 -17.66 -25.15
N TYR B 34 -0.10 -17.00 -24.03
CA TYR B 34 -0.84 -15.82 -23.64
C TYR B 34 -0.15 -14.59 -24.24
N GLN B 35 -0.91 -13.70 -24.87
CA GLN B 35 -0.35 -12.47 -25.46
C GLN B 35 -0.20 -11.41 -24.38
N LEU B 36 1.01 -10.90 -24.21
CA LEU B 36 1.30 -9.88 -23.22
C LEU B 36 0.71 -8.55 -23.68
N VAL B 37 0.05 -7.87 -22.77
CA VAL B 37 -0.42 -6.53 -23.01
C VAL B 37 -0.01 -5.67 -21.83
N SER B 38 0.20 -4.39 -22.10
CA SER B 38 0.69 -3.46 -21.10
C SER B 38 -0.12 -2.20 -21.23
N PRO B 39 -1.33 -2.20 -20.67
CA PRO B 39 -2.15 -0.98 -20.78
C PRO B 39 -1.63 0.10 -19.84
N PRO B 40 -2.06 1.35 -20.03
CA PRO B 40 -1.61 2.45 -19.21
C PRO B 40 -2.22 2.47 -17.79
N MET B 41 -1.53 3.18 -16.89
CA MET B 41 -1.98 3.41 -15.51
C MET B 41 -3.25 4.24 -15.46
N ILE B 42 -3.46 5.14 -16.43
CA ILE B 42 -4.58 6.05 -16.42
C ILE B 42 -5.45 5.96 -17.68
N GLU B 43 -6.75 6.16 -17.50
CA GLU B 43 -7.73 6.14 -18.59
C GLU B 43 -8.89 7.04 -18.18
N PHE B 44 -9.70 7.43 -19.15
CA PHE B 44 -10.97 8.04 -18.83
C PHE B 44 -11.79 7.02 -18.06
N THR B 45 -12.56 7.50 -17.08
CA THR B 45 -13.43 6.64 -16.27
C THR B 45 -14.50 5.92 -17.10
N GLU B 46 -14.95 6.56 -18.18
CA GLU B 46 -15.86 5.94 -19.14
C GLU B 46 -15.45 4.52 -19.56
N SER B 47 -14.15 4.31 -19.80
CA SER B 47 -13.65 2.98 -20.18
C SER B 47 -13.18 2.20 -18.95
N LEU B 48 -12.46 2.85 -18.05
CA LEU B 48 -11.86 2.18 -16.89
C LEU B 48 -12.89 1.60 -15.90
N LEU B 49 -14.03 2.25 -15.74
CA LEU B 49 -15.06 1.82 -14.81
C LEU B 49 -16.37 1.45 -15.53
N SER B 50 -16.28 1.07 -16.80
CA SER B 50 -17.44 0.58 -17.55
C SER B 50 -17.89 -0.75 -16.93
N GLY B 51 -19.13 -0.78 -16.44
CA GLY B 51 -19.69 -1.94 -15.75
C GLY B 51 -18.99 -2.35 -14.46
N ALA B 52 -18.33 -1.40 -13.79
CA ALA B 52 -17.60 -1.69 -12.57
C ALA B 52 -18.56 -1.86 -11.40
N SER B 53 -18.18 -2.67 -10.44
CA SER B 53 -18.86 -2.74 -9.14
C SER B 53 -18.63 -1.45 -8.38
N GLU B 54 -19.41 -1.27 -7.32
CA GLU B 54 -19.26 -0.10 -6.44
C GLU B 54 -17.97 -0.13 -5.63
N ASP B 55 -17.49 -1.35 -5.32
CA ASP B 55 -16.22 -1.52 -4.61
C ASP B 55 -15.06 -1.05 -5.50
N LEU B 56 -15.08 -1.43 -6.78
CA LEU B 56 -14.05 -1.02 -7.73
C LEU B 56 -14.04 0.49 -7.93
N LYS B 57 -15.22 1.10 -8.00
CA LYS B 57 -15.36 2.57 -8.10
C LYS B 57 -14.75 3.29 -6.89
N ARG B 58 -15.10 2.84 -5.69
CA ARG B 58 -14.53 3.41 -4.47
C ARG B 58 -13.02 3.12 -4.34
N GLN B 59 -12.57 1.99 -4.86
CA GLN B 59 -11.14 1.65 -4.85
C GLN B 59 -10.26 2.46 -5.85
N THR B 60 -10.89 3.16 -6.80
CA THR B 60 -10.21 3.88 -7.87
C THR B 60 -10.04 5.38 -7.59
N PHE B 61 -8.79 5.83 -7.48
CA PHE B 61 -8.46 7.26 -7.37
C PHE B 61 -8.90 8.01 -8.62
N LYS B 62 -9.50 9.20 -8.43
CA LYS B 62 -9.88 10.06 -9.54
C LYS B 62 -8.95 11.25 -9.69
N ILE B 63 -8.74 11.65 -10.93
CA ILE B 63 -7.93 12.80 -11.30
C ILE B 63 -8.57 13.43 -12.52
N ILE B 64 -8.28 14.71 -12.78
CA ILE B 64 -8.86 15.43 -13.91
C ILE B 64 -7.85 15.57 -15.06
N ASP B 65 -8.29 15.29 -16.28
CA ASP B 65 -7.46 15.52 -17.48
C ASP B 65 -7.45 16.99 -17.81
N GLN B 66 -6.28 17.63 -17.70
CA GLN B 66 -6.14 19.07 -17.99
C GLN B 66 -6.24 19.44 -19.48
N LEU B 67 -6.15 18.47 -20.38
CA LEU B 67 -6.34 18.71 -21.81
C LEU B 67 -7.81 18.75 -22.25
N THR B 68 -8.70 18.05 -21.54
CA THR B 68 -10.13 17.99 -21.88
C THR B 68 -11.11 18.39 -20.76
N GLY B 69 -10.62 18.47 -19.53
CA GLY B 69 -11.48 18.69 -18.37
C GLY B 69 -12.28 17.47 -17.93
N ARG B 70 -11.99 16.29 -18.50
CA ARG B 70 -12.76 15.07 -18.18
C ARG B 70 -12.10 14.28 -17.05
N LEU B 71 -12.89 13.41 -16.46
CA LEU B 71 -12.46 12.61 -15.31
C LEU B 71 -11.64 11.42 -15.77
N MET B 72 -10.54 11.16 -15.08
CA MET B 72 -9.77 9.94 -15.31
C MET B 72 -9.67 9.21 -13.98
N GLY B 73 -9.15 7.99 -14.03
CA GLY B 73 -8.81 7.24 -12.84
C GLY B 73 -7.44 6.63 -12.96
N ILE B 74 -6.80 6.38 -11.81
CA ILE B 74 -5.62 5.50 -11.73
C ILE B 74 -6.23 4.13 -11.56
N ARG B 75 -5.82 3.17 -12.37
CA ARG B 75 -6.40 1.84 -12.30
C ARG B 75 -6.16 1.14 -10.93
N ALA B 76 -7.24 0.55 -10.42
CA ALA B 76 -7.22 -0.37 -9.28
C ALA B 76 -7.25 -1.84 -9.75
N ASP B 77 -7.52 -2.06 -11.04
CA ASP B 77 -7.67 -3.40 -11.58
C ASP B 77 -7.38 -3.33 -13.07
N ILE B 78 -6.57 -4.28 -13.57
CA ILE B 78 -6.23 -4.33 -14.99
C ILE B 78 -7.28 -5.04 -15.86
N THR B 79 -8.03 -5.97 -15.28
CA THR B 79 -9.03 -6.78 -16.01
C THR B 79 -9.97 -5.98 -16.91
N PRO B 80 -10.57 -4.86 -16.43
CA PRO B 80 -11.39 -4.07 -17.36
C PRO B 80 -10.63 -3.52 -18.59
N GLN B 81 -9.32 -3.30 -18.45
CA GLN B 81 -8.53 -2.86 -19.59
C GLN B 81 -8.33 -4.00 -20.58
N ILE B 82 -8.21 -5.23 -20.05
CA ILE B 82 -8.16 -6.43 -20.91
C ILE B 82 -9.44 -6.56 -21.76
N LEU B 83 -10.61 -6.37 -21.16
CA LEU B 83 -11.90 -6.35 -21.89
C LEU B 83 -11.94 -5.33 -23.01
N ARG B 84 -11.50 -4.11 -22.73
CA ARG B 84 -11.42 -3.05 -23.74
C ARG B 84 -10.56 -3.53 -24.92
N ILE B 85 -9.38 -4.06 -24.59
CA ILE B 85 -8.42 -4.56 -25.59
C ILE B 85 -9.01 -5.75 -26.39
N ASP B 86 -9.60 -6.70 -25.70
CA ASP B 86 -10.23 -7.84 -26.36
C ASP B 86 -11.39 -7.44 -27.28
N ALA B 87 -12.16 -6.44 -26.89
CA ALA B 87 -13.27 -5.96 -27.72
C ALA B 87 -12.76 -5.37 -29.04
N HIS B 88 -11.64 -4.63 -29.01
CA HIS B 88 -11.07 -4.04 -30.23
C HIS B 88 -10.30 -5.09 -31.05
N HIS B 89 -9.43 -5.88 -30.41
CA HIS B 89 -8.49 -6.79 -31.10
C HIS B 89 -8.84 -8.28 -31.10
N GLY B 90 -9.72 -8.74 -30.21
CA GLY B 90 -9.88 -10.17 -29.95
C GLY B 90 -10.68 -11.01 -30.94
N GLY B 91 -11.57 -10.39 -31.69
CA GLY B 91 -12.49 -11.14 -32.56
C GLY B 91 -13.51 -11.98 -31.80
N ASP B 92 -14.06 -12.98 -32.49
CA ASP B 92 -15.11 -13.86 -31.98
C ASP B 92 -14.59 -15.18 -31.42
N GLY B 93 -13.38 -15.58 -31.84
CA GLY B 93 -12.79 -16.83 -31.42
C GLY B 93 -12.14 -16.72 -30.06
N ILE B 94 -11.28 -17.69 -29.77
CA ILE B 94 -10.55 -17.74 -28.51
C ILE B 94 -9.37 -16.77 -28.56
N ALA B 95 -9.23 -15.98 -27.50
CA ALA B 95 -8.12 -15.07 -27.34
C ALA B 95 -7.57 -15.18 -25.92
N ARG B 96 -6.24 -15.19 -25.80
CA ARG B 96 -5.54 -15.33 -24.54
C ARG B 96 -4.65 -14.09 -24.31
N TYR B 97 -4.70 -13.55 -23.08
CA TYR B 97 -3.98 -12.35 -22.70
C TYR B 97 -3.32 -12.55 -21.35
N CYS B 98 -2.16 -11.93 -21.17
CA CYS B 98 -1.57 -11.80 -19.84
C CYS B 98 -1.02 -10.40 -19.64
N TYR B 99 -0.64 -10.12 -18.41
CA TYR B 99 -0.26 -8.80 -18.03
C TYR B 99 0.44 -8.83 -16.69
N ALA B 100 1.22 -7.78 -16.46
CA ALA B 100 1.83 -7.55 -15.16
C ALA B 100 2.09 -6.05 -15.06
N GLY B 101 1.40 -5.39 -14.13
CA GLY B 101 1.49 -3.95 -13.98
C GLY B 101 1.09 -3.50 -12.58
N ASP B 102 1.53 -2.30 -12.22
CA ASP B 102 1.18 -1.68 -10.96
C ASP B 102 -0.27 -1.20 -10.99
N VAL B 103 -0.97 -1.38 -9.88
CA VAL B 103 -2.31 -0.83 -9.69
C VAL B 103 -2.32 -0.15 -8.33
N ILE B 104 -3.18 0.86 -8.17
CA ILE B 104 -3.30 1.63 -6.93
C ILE B 104 -4.71 1.48 -6.37
N HIS B 105 -4.81 1.26 -5.07
CA HIS B 105 -6.08 1.17 -4.36
C HIS B 105 -6.19 2.33 -3.34
N THR B 106 -7.38 2.91 -3.21
CA THR B 106 -7.63 3.98 -2.23
C THR B 106 -7.58 3.48 -0.78
N LEU B 107 -8.07 2.26 -0.56
CA LEU B 107 -8.00 1.60 0.75
C LEU B 107 -7.42 0.18 0.61
N PRO B 108 -6.67 -0.31 1.62
CA PRO B 108 -6.22 -1.71 1.59
C PRO B 108 -7.40 -2.70 1.70
N SER B 109 -7.24 -3.90 1.16
CA SER B 109 -8.29 -4.95 1.29
C SER B 109 -8.26 -5.63 2.64
N GLY B 110 -7.07 -6.08 3.04
CA GLY B 110 -6.86 -6.83 4.30
C GLY B 110 -6.13 -5.97 5.34
N LEU B 111 -6.04 -6.45 6.58
CA LEU B 111 -5.34 -5.74 7.67
C LEU B 111 -3.88 -5.58 7.32
N PHE B 112 -3.40 -4.33 7.27
CA PHE B 112 -2.03 -4.00 6.84
C PHE B 112 -1.69 -4.45 5.42
N GLY B 113 -2.70 -4.51 4.56
CA GLY B 113 -2.51 -4.90 3.17
C GLY B 113 -1.91 -3.78 2.34
N SER B 114 -1.45 -4.14 1.15
CA SER B 114 -0.81 -3.19 0.26
C SER B 114 -1.88 -2.43 -0.52
N ARG B 115 -1.62 -1.15 -0.76
CA ARG B 115 -2.41 -0.30 -1.63
C ARG B 115 -1.78 -0.13 -3.01
N THR B 116 -0.61 -0.75 -3.24
CA THR B 116 0.10 -0.65 -4.50
C THR B 116 0.62 -2.02 -4.93
N PRO B 117 -0.30 -2.97 -5.20
CA PRO B 117 0.17 -4.26 -5.64
C PRO B 117 0.76 -4.23 -7.05
N LEU B 118 1.67 -5.17 -7.30
CA LEU B 118 2.16 -5.46 -8.63
C LEU B 118 1.31 -6.62 -9.16
N GLN B 119 0.29 -6.26 -9.92
CA GLN B 119 -0.77 -7.19 -10.32
C GLN B 119 -0.35 -7.95 -11.57
N LEU B 120 -0.26 -9.28 -11.44
CA LEU B 120 0.07 -10.15 -12.58
C LEU B 120 -1.08 -11.12 -12.81
N GLY B 121 -1.40 -11.34 -14.09
CA GLY B 121 -2.54 -12.18 -14.42
C GLY B 121 -2.62 -12.69 -15.84
N ALA B 122 -3.62 -13.56 -16.03
CA ALA B 122 -3.87 -14.25 -17.30
C ALA B 122 -5.36 -14.42 -17.49
N GLU B 123 -5.82 -14.33 -18.73
CA GLU B 123 -7.23 -14.39 -19.06
C GLU B 123 -7.46 -15.06 -20.43
N ILE B 124 -8.52 -15.89 -20.49
CA ILE B 124 -8.97 -16.57 -21.72
C ILE B 124 -10.39 -16.12 -22.02
N PHE B 125 -10.60 -15.58 -23.22
CA PHE B 125 -11.90 -15.11 -23.70
C PHE B 125 -12.37 -16.03 -24.81
N GLY B 126 -13.69 -16.23 -24.93
CA GLY B 126 -14.28 -16.94 -26.07
C GLY B 126 -14.40 -18.46 -25.98
N CYS B 127 -14.23 -19.02 -24.78
CA CYS B 127 -14.42 -20.45 -24.53
C CYS B 127 -15.38 -20.68 -23.35
N GLU B 128 -16.52 -21.32 -23.62
CA GLU B 128 -17.50 -21.63 -22.57
C GLU B 128 -17.12 -22.87 -21.73
N SER B 129 -16.32 -23.77 -22.32
CA SER B 129 -15.98 -25.05 -21.68
C SER B 129 -15.16 -24.90 -20.39
N ILE B 130 -15.36 -25.86 -19.49
CA ILE B 130 -14.55 -26.03 -18.28
C ILE B 130 -13.06 -26.28 -18.60
N ALA B 131 -12.77 -26.71 -19.83
CA ALA B 131 -11.41 -26.89 -20.32
C ALA B 131 -10.55 -25.59 -20.29
N ALA B 132 -11.17 -24.44 -20.50
CA ALA B 132 -10.48 -23.13 -20.37
C ALA B 132 -10.08 -22.85 -18.92
N ASP B 133 -10.95 -23.17 -17.98
CA ASP B 133 -10.60 -23.03 -16.55
C ASP B 133 -9.50 -24.01 -16.16
N ILE B 134 -9.61 -25.24 -16.65
CA ILE B 134 -8.58 -26.26 -16.44
C ILE B 134 -7.19 -25.82 -16.98
N GLU B 135 -7.18 -25.17 -18.15
CA GLU B 135 -5.93 -24.67 -18.73
C GLU B 135 -5.32 -23.58 -17.86
N LEU B 136 -6.15 -22.66 -17.36
CA LEU B 136 -5.71 -21.61 -16.43
C LEU B 136 -5.07 -22.16 -15.16
N ILE B 137 -5.67 -23.22 -14.61
CA ILE B 137 -5.09 -23.96 -13.47
C ILE B 137 -3.72 -24.55 -13.81
N ASP B 138 -3.57 -25.11 -15.00
CA ASP B 138 -2.29 -25.70 -15.40
C ASP B 138 -1.19 -24.64 -15.55
N VAL B 139 -1.57 -23.45 -16.01
CA VAL B 139 -0.63 -22.35 -16.18
C VAL B 139 -0.22 -21.84 -14.80
N LEU B 140 -1.23 -21.54 -13.96
CA LEU B 140 -0.99 -21.12 -12.59
C LEU B 140 -0.04 -22.04 -11.83
N PHE B 141 -0.33 -23.34 -11.85
CA PHE B 141 0.45 -24.31 -11.09
C PHE B 141 1.81 -24.59 -11.65
N SER B 142 1.95 -24.47 -12.96
CA SER B 142 3.27 -24.49 -13.58
C SER B 142 4.11 -23.29 -13.07
N MET B 143 3.49 -22.11 -13.02
CA MET B 143 4.14 -20.94 -12.42
C MET B 143 4.49 -21.12 -10.94
N ILE B 144 3.53 -21.60 -10.14
CA ILE B 144 3.76 -21.77 -8.69
C ILE B 144 4.89 -22.75 -8.42
N ASN B 145 4.87 -23.88 -9.12
CA ASN B 145 5.93 -24.89 -8.97
C ASN B 145 7.32 -24.39 -9.42
N SER B 146 7.39 -23.48 -10.40
CA SER B 146 8.69 -22.92 -10.80
C SER B 146 9.34 -22.07 -9.68
N LEU B 147 8.54 -21.55 -8.75
CA LEU B 147 9.04 -20.74 -7.65
C LEU B 147 9.74 -21.52 -6.52
N ASP B 148 9.63 -22.85 -6.52
CA ASP B 148 10.36 -23.69 -5.55
C ASP B 148 10.16 -23.19 -4.10
N MET B 149 8.92 -22.96 -3.74
CA MET B 149 8.55 -22.48 -2.40
C MET B 149 8.40 -23.66 -1.45
N SER B 150 8.67 -23.44 -0.18
CA SER B 150 8.33 -24.42 0.86
C SER B 150 6.92 -24.15 1.37
N ALA B 151 6.46 -22.90 1.22
CA ALA B 151 5.08 -22.52 1.54
C ALA B 151 4.08 -23.30 0.68
N VAL B 152 2.99 -23.71 1.31
CA VAL B 152 2.00 -24.58 0.65
C VAL B 152 0.80 -23.72 0.21
N LEU B 153 0.38 -23.89 -1.05
CA LEU B 153 -0.79 -23.21 -1.58
C LEU B 153 -2.02 -24.13 -1.35
N HIS B 154 -3.05 -23.62 -0.65
CA HIS B 154 -4.36 -24.30 -0.51
C HIS B 154 -5.38 -23.60 -1.40
N VAL B 155 -6.16 -24.38 -2.16
CA VAL B 155 -7.18 -23.83 -3.08
C VAL B 155 -8.61 -24.06 -2.57
N ASP B 156 -9.38 -22.98 -2.52
CA ASP B 156 -10.79 -23.05 -2.22
C ASP B 156 -11.59 -22.77 -3.49
N LEU B 157 -12.44 -23.71 -3.90
CA LEU B 157 -13.29 -23.54 -5.07
C LEU B 157 -14.71 -23.21 -4.63
N GLY B 158 -15.35 -22.33 -5.40
CA GLY B 158 -16.76 -22.01 -5.25
C GLY B 158 -17.39 -21.99 -6.64
N HIS B 159 -18.67 -21.65 -6.67
CA HIS B 159 -19.43 -21.54 -7.92
C HIS B 159 -20.72 -20.76 -7.64
N VAL B 160 -20.74 -19.48 -8.01
CA VAL B 160 -21.85 -18.59 -7.64
C VAL B 160 -23.19 -18.91 -8.34
N THR B 161 -23.17 -19.74 -9.38
CA THR B 161 -24.38 -20.08 -10.14
C THR B 161 -25.34 -20.93 -9.30
N ILE B 162 -24.81 -21.79 -8.43
CA ILE B 162 -25.63 -22.68 -7.62
C ILE B 162 -26.59 -21.85 -6.76
N PHE B 163 -26.04 -20.90 -6.01
CA PHE B 163 -26.87 -19.99 -5.21
C PHE B 163 -27.77 -19.09 -6.06
N LYS B 164 -27.23 -18.58 -7.17
CA LYS B 164 -28.03 -17.70 -8.05
C LYS B 164 -29.26 -18.37 -8.66
N ARG B 165 -29.12 -19.65 -9.00
CA ARG B 165 -30.21 -20.45 -9.56
C ARG B 165 -31.23 -20.84 -8.51
N LEU B 166 -30.78 -21.21 -7.32
CA LEU B 166 -31.68 -21.47 -6.20
C LEU B 166 -32.50 -20.22 -5.87
N ALA B 167 -31.84 -19.06 -5.83
CA ALA B 167 -32.52 -17.78 -5.60
C ALA B 167 -33.58 -17.46 -6.66
N GLU B 168 -33.30 -17.81 -7.92
CA GLU B 168 -34.29 -17.69 -9.00
C GLU B 168 -35.49 -18.66 -8.82
N LEU B 169 -35.20 -19.95 -8.67
CA LEU B 169 -36.24 -20.97 -8.54
C LEU B 169 -37.12 -20.77 -7.30
N ALA B 170 -36.49 -20.41 -6.19
CA ALA B 170 -37.19 -20.06 -4.96
C ALA B 170 -37.87 -18.69 -4.98
N ALA B 171 -37.56 -17.87 -6.00
CA ALA B 171 -38.16 -16.56 -6.20
C ALA B 171 -37.94 -15.63 -5.00
N LEU B 172 -36.70 -15.60 -4.50
CA LEU B 172 -36.34 -14.78 -3.35
C LEU B 172 -36.38 -13.29 -3.69
N SER B 173 -36.86 -12.51 -2.73
CA SER B 173 -36.73 -11.05 -2.76
C SER B 173 -35.29 -10.64 -2.52
N ALA B 174 -34.99 -9.37 -2.79
CA ALA B 174 -33.62 -8.83 -2.64
C ALA B 174 -33.15 -8.86 -1.18
N SER B 175 -34.02 -8.47 -0.26
CA SER B 175 -33.70 -8.49 1.17
C SER B 175 -33.49 -9.91 1.72
N ASP B 176 -34.22 -10.89 1.19
CA ASP B 176 -34.00 -12.31 1.54
C ASP B 176 -32.65 -12.80 0.99
N THR B 177 -32.34 -12.43 -0.26
CA THR B 177 -31.05 -12.73 -0.87
C THR B 177 -29.90 -12.11 -0.06
N GLU B 178 -30.06 -10.84 0.30
CA GLU B 178 -29.04 -10.10 1.06
C GLU B 178 -28.82 -10.65 2.48
N GLN B 179 -29.88 -11.17 3.10
CA GLN B 179 -29.78 -11.76 4.45
C GLN B 179 -29.02 -13.08 4.42
N LEU B 180 -29.40 -13.96 3.49
CA LEU B 180 -28.71 -15.25 3.31
C LEU B 180 -27.21 -15.07 3.01
N MET B 181 -26.89 -14.08 2.17
CA MET B 181 -25.49 -13.78 1.85
C MET B 181 -24.69 -13.33 3.08
N GLN B 182 -25.32 -12.52 3.95
CA GLN B 182 -24.72 -12.15 5.23
C GLN B 182 -24.53 -13.33 6.17
N LEU B 183 -25.55 -14.18 6.27
CA LEU B 183 -25.48 -15.38 7.10
C LEU B 183 -24.45 -16.38 6.58
N TYR B 184 -24.39 -16.56 5.26
CA TYR B 184 -23.34 -17.36 4.63
C TYR B 184 -21.94 -16.78 4.88
N ALA B 185 -21.80 -15.48 4.67
CA ALA B 185 -20.53 -14.78 4.90
C ALA B 185 -20.00 -14.97 6.33
N ASN B 186 -20.91 -15.03 7.29
CA ASN B 186 -20.56 -15.18 8.71
C ASN B 186 -20.71 -16.61 9.26
N LYS B 187 -21.01 -17.58 8.40
CA LYS B 187 -21.27 -18.98 8.80
C LYS B 187 -22.27 -19.13 9.96
N ASN B 188 -23.29 -18.28 10.01
CA ASN B 188 -24.25 -18.31 11.10
C ASN B 188 -25.26 -19.43 10.79
N LEU B 189 -24.86 -20.66 11.10
CA LEU B 189 -25.66 -21.84 10.79
C LEU B 189 -27.00 -21.90 11.56
N PRO B 190 -26.97 -21.64 12.88
CA PRO B 190 -28.23 -21.64 13.65
C PRO B 190 -29.28 -20.67 13.12
N GLU B 191 -28.91 -19.40 12.94
CA GLU B 191 -29.83 -18.39 12.40
C GLU B 191 -30.20 -18.64 10.93
N LEU B 192 -29.30 -19.26 10.18
CA LEU B 192 -29.61 -19.71 8.82
C LEU B 192 -30.68 -20.80 8.86
N LYS B 193 -30.53 -21.74 9.79
CA LYS B 193 -31.52 -22.81 10.00
C LYS B 193 -32.90 -22.21 10.30
N GLN B 194 -32.95 -21.19 11.17
CA GLN B 194 -34.19 -20.50 11.52
C GLN B 194 -34.87 -19.85 10.30
N VAL B 195 -34.11 -19.03 9.58
CA VAL B 195 -34.64 -18.27 8.42
C VAL B 195 -35.12 -19.21 7.30
N CYS B 196 -34.41 -20.32 7.11
CA CYS B 196 -34.74 -21.29 6.07
C CYS B 196 -36.02 -22.12 6.33
N GLN B 197 -36.47 -22.19 7.58
CA GLN B 197 -37.73 -22.90 7.88
C GLN B 197 -38.98 -22.19 7.33
N VAL B 198 -38.89 -20.88 7.08
CA VAL B 198 -40.01 -20.09 6.54
C VAL B 198 -39.84 -19.61 5.09
N LEU B 199 -38.65 -19.81 4.49
CA LEU B 199 -38.41 -19.44 3.10
C LEU B 199 -38.80 -20.57 2.15
N PRO B 200 -39.19 -20.23 0.89
CA PRO B 200 -39.41 -21.26 -0.13
C PRO B 200 -38.10 -21.91 -0.58
N MET B 201 -38.12 -23.23 -0.75
CA MET B 201 -36.93 -24.05 -0.95
C MET B 201 -35.86 -23.78 0.12
N GLY B 202 -36.30 -23.54 1.35
CA GLY B 202 -35.41 -23.16 2.43
C GLY B 202 -34.35 -24.20 2.73
N SER B 203 -34.74 -25.47 2.74
CA SER B 203 -33.82 -26.58 3.01
C SER B 203 -32.67 -26.68 2.01
N ASP B 204 -32.86 -26.19 0.79
CA ASP B 204 -31.77 -26.12 -0.19
C ASP B 204 -30.71 -25.09 0.23
N PHE B 205 -31.15 -23.92 0.69
CA PHE B 205 -30.24 -22.88 1.17
C PHE B 205 -29.52 -23.30 2.46
N TYR B 206 -30.18 -24.10 3.28
CA TYR B 206 -29.54 -24.69 4.45
C TYR B 206 -28.51 -25.75 4.03
N THR B 207 -28.86 -26.57 3.04
CA THR B 207 -28.01 -27.66 2.55
C THR B 207 -26.69 -27.14 1.97
N LEU B 208 -26.71 -26.02 1.25
CA LEU B 208 -25.49 -25.43 0.71
C LEU B 208 -24.48 -25.18 1.82
N ALA B 209 -24.89 -24.42 2.83
CA ALA B 209 -24.03 -24.13 3.97
C ALA B 209 -23.61 -25.36 4.77
N ARG B 210 -24.55 -26.25 5.07
CA ARG B 210 -24.29 -27.42 5.92
C ARG B 210 -23.46 -28.52 5.24
N PHE B 211 -23.77 -28.79 3.97
CA PHE B 211 -23.20 -29.93 3.24
C PHE B 211 -22.47 -29.56 1.94
N GLY B 212 -22.35 -28.28 1.60
CA GLY B 212 -21.69 -27.85 0.35
C GLY B 212 -20.23 -28.27 0.18
N HIS B 213 -19.54 -28.45 1.30
CA HIS B 213 -18.16 -29.01 1.32
C HIS B 213 -18.02 -30.40 0.69
N ASP B 214 -19.06 -31.24 0.82
CA ASP B 214 -19.08 -32.62 0.30
C ASP B 214 -19.69 -32.59 -1.12
N ILE B 215 -18.89 -32.14 -2.09
CA ILE B 215 -19.38 -31.87 -3.46
C ILE B 215 -19.83 -33.12 -4.25
N ALA B 216 -19.23 -34.26 -3.96
CA ALA B 216 -19.61 -35.55 -4.57
C ALA B 216 -21.09 -35.88 -4.35
N ASN B 217 -21.57 -35.62 -3.14
CA ASN B 217 -22.94 -35.91 -2.73
C ASN B 217 -23.90 -34.71 -2.74
N LEU B 218 -23.47 -33.54 -3.19
CA LEU B 218 -24.30 -32.32 -3.02
C LEU B 218 -25.57 -32.34 -3.85
N LEU B 219 -25.48 -32.81 -5.10
CA LEU B 219 -26.67 -32.86 -5.96
C LEU B 219 -27.77 -33.74 -5.37
N GLY B 220 -27.39 -34.88 -4.81
CA GLY B 220 -28.32 -35.84 -4.18
C GLY B 220 -28.92 -35.42 -2.85
N ARG B 221 -28.37 -34.36 -2.24
CA ARG B 221 -28.97 -33.73 -1.05
C ARG B 221 -29.98 -32.61 -1.37
N LEU B 222 -30.02 -32.16 -2.63
CA LEU B 222 -30.91 -31.06 -3.03
C LEU B 222 -32.30 -31.57 -3.40
N SER B 223 -33.25 -30.62 -3.45
CA SER B 223 -34.64 -30.89 -3.76
C SER B 223 -34.80 -31.23 -5.23
N GLU B 224 -35.88 -31.95 -5.54
CA GLU B 224 -36.19 -32.42 -6.90
C GLU B 224 -36.23 -31.30 -7.94
N ASN B 225 -36.73 -30.12 -7.57
CA ASN B 225 -36.75 -28.95 -8.45
C ASN B 225 -35.31 -28.50 -8.78
N ALA B 226 -34.46 -28.44 -7.75
CA ALA B 226 -33.03 -28.10 -7.91
C ALA B 226 -32.25 -29.15 -8.72
N GLN B 227 -32.51 -30.43 -8.49
CA GLN B 227 -31.84 -31.51 -9.24
C GLN B 227 -32.26 -31.55 -10.72
N GLN B 228 -33.43 -30.99 -11.05
CA GLN B 228 -33.91 -30.89 -12.44
C GLN B 228 -33.41 -29.63 -13.17
N ASP B 229 -32.79 -28.70 -12.44
CA ASP B 229 -32.24 -27.49 -13.03
C ASP B 229 -30.90 -27.79 -13.71
N THR B 230 -30.86 -27.56 -15.01
CA THR B 230 -29.67 -27.84 -15.83
C THR B 230 -28.40 -27.07 -15.38
N LYS B 231 -28.59 -25.84 -14.91
CA LYS B 231 -27.47 -24.98 -14.54
C LYS B 231 -26.83 -25.39 -13.21
N ILE B 232 -27.64 -25.87 -12.26
CA ILE B 232 -27.14 -26.40 -10.99
C ILE B 232 -26.37 -27.71 -11.21
N VAL B 233 -26.93 -28.64 -11.99
CA VAL B 233 -26.26 -29.92 -12.29
C VAL B 233 -24.87 -29.71 -12.95
N THR B 234 -24.80 -28.77 -13.90
CA THR B 234 -23.54 -28.48 -14.61
C THR B 234 -22.51 -27.77 -13.72
N ALA B 235 -22.97 -26.83 -12.89
CA ALA B 235 -22.10 -26.10 -11.97
C ALA B 235 -21.44 -27.04 -10.96
N ILE B 236 -22.24 -27.94 -10.39
CA ILE B 236 -21.73 -28.99 -9.50
C ILE B 236 -20.74 -29.91 -10.24
N ASP B 237 -21.07 -30.27 -11.48
CA ASP B 237 -20.18 -31.07 -12.32
C ASP B 237 -18.81 -30.40 -12.59
N GLU B 238 -18.83 -29.10 -12.91
CA GLU B 238 -17.61 -28.30 -13.09
C GLU B 238 -16.72 -28.30 -11.82
N LEU B 239 -17.35 -28.13 -10.65
CA LEU B 239 -16.64 -28.20 -9.37
C LEU B 239 -15.91 -29.53 -9.14
N GLN B 240 -16.58 -30.63 -9.46
CA GLN B 240 -16.00 -31.97 -9.35
C GLN B 240 -14.85 -32.19 -10.32
N ARG B 241 -15.00 -31.68 -11.54
CA ARG B 241 -13.95 -31.75 -12.57
C ARG B 241 -12.68 -31.00 -12.18
N LEU B 242 -12.83 -29.76 -11.75
CA LEU B 242 -11.67 -28.95 -11.33
C LEU B 242 -11.03 -29.49 -10.03
N LYS B 243 -11.85 -29.95 -9.08
CA LYS B 243 -11.31 -30.54 -7.85
C LYS B 243 -10.40 -31.71 -8.17
N ALA B 244 -10.94 -32.66 -8.96
CA ALA B 244 -10.19 -33.85 -9.41
C ALA B 244 -8.90 -33.48 -10.14
N HIS B 245 -9.00 -32.58 -11.12
CA HIS B 245 -7.83 -32.11 -11.86
C HIS B 245 -6.76 -31.54 -10.94
N LEU B 246 -7.16 -30.74 -9.96
CA LEU B 246 -6.21 -30.15 -9.01
C LEU B 246 -5.50 -31.18 -8.12
N GLN B 247 -6.25 -32.16 -7.61
CA GLN B 247 -5.68 -33.20 -6.74
C GLN B 247 -4.72 -34.10 -7.50
N VAL B 248 -5.19 -34.58 -8.66
CA VAL B 248 -4.49 -35.63 -9.40
C VAL B 248 -3.32 -35.09 -10.22
N GLN B 249 -3.57 -34.08 -11.06
CA GLN B 249 -2.52 -33.48 -11.88
C GLN B 249 -1.52 -32.68 -11.03
N TRP B 250 -1.97 -32.00 -9.98
CA TRP B 250 -1.14 -31.04 -9.28
C TRP B 250 -0.93 -31.23 -7.77
N GLN B 251 -1.35 -32.36 -7.21
CA GLN B 251 -1.11 -32.65 -5.78
C GLN B 251 -1.58 -31.49 -4.87
N CYS B 252 -2.72 -30.89 -5.22
CA CYS B 252 -3.19 -29.69 -4.54
C CYS B 252 -4.34 -30.06 -3.60
N ALA B 253 -4.24 -29.65 -2.33
CA ALA B 253 -5.36 -29.72 -1.38
C ALA B 253 -6.47 -28.77 -1.84
N VAL B 254 -7.67 -29.30 -2.01
CA VAL B 254 -8.82 -28.51 -2.44
C VAL B 254 -9.93 -28.61 -1.40
N SER B 255 -10.50 -27.47 -1.05
CA SER B 255 -11.76 -27.41 -0.32
C SER B 255 -12.80 -26.79 -1.27
N ILE B 256 -14.05 -27.05 -1.00
CA ILE B 256 -15.19 -26.54 -1.76
C ILE B 256 -15.99 -25.66 -0.82
N ASP B 257 -16.39 -24.49 -1.29
CA ASP B 257 -17.37 -23.69 -0.58
C ASP B 257 -18.32 -23.00 -1.54
N VAL B 258 -19.51 -23.58 -1.68
CA VAL B 258 -20.54 -23.04 -2.58
C VAL B 258 -21.29 -21.83 -1.98
N THR B 259 -20.99 -21.48 -0.73
CA THR B 259 -21.53 -20.27 -0.10
C THR B 259 -20.54 -19.09 -0.16
N GLU B 260 -19.42 -19.29 -0.85
CA GLU B 260 -18.44 -18.22 -1.10
C GLU B 260 -18.98 -17.30 -2.18
N LEU B 261 -19.58 -16.18 -1.77
CA LEU B 261 -20.27 -15.27 -2.70
C LEU B 261 -19.72 -13.83 -2.74
N SER B 262 -18.45 -13.64 -2.35
CA SER B 262 -17.66 -12.46 -2.70
C SER B 262 -17.74 -12.20 -4.21
N GLY B 263 -17.85 -10.94 -4.58
CA GLY B 263 -17.95 -10.60 -6.00
C GLY B 263 -19.14 -11.27 -6.68
N TYR B 264 -20.27 -11.26 -5.97
CA TYR B 264 -21.57 -11.67 -6.49
C TYR B 264 -21.88 -10.92 -7.79
N HIS B 265 -21.52 -9.65 -7.80
CA HIS B 265 -21.69 -8.77 -8.97
C HIS B 265 -21.02 -9.27 -10.25
N TYR B 266 -19.72 -9.55 -10.17
CA TYR B 266 -18.91 -9.79 -11.39
C TYR B 266 -18.66 -11.26 -11.74
N HIS B 267 -18.59 -12.15 -10.74
CA HIS B 267 -18.45 -13.58 -11.05
C HIS B 267 -19.74 -14.14 -11.62
N THR B 268 -19.59 -14.99 -12.64
CA THR B 268 -20.69 -15.56 -13.39
C THR B 268 -20.72 -17.08 -13.30
N GLY B 269 -19.86 -17.67 -12.47
CA GLY B 269 -19.71 -19.11 -12.43
C GLY B 269 -18.69 -19.60 -11.41
N ILE B 270 -17.83 -20.52 -11.84
CA ILE B 270 -16.76 -21.05 -11.00
C ILE B 270 -15.86 -19.95 -10.46
N VAL B 271 -15.44 -20.09 -9.19
CA VAL B 271 -14.47 -19.17 -8.57
C VAL B 271 -13.40 -19.94 -7.83
N PHE B 272 -12.22 -19.33 -7.82
CA PHE B 272 -11.00 -19.96 -7.35
C PHE B 272 -10.33 -18.96 -6.39
N ASN B 273 -9.94 -19.43 -5.21
CA ASN B 273 -9.17 -18.60 -4.27
C ASN B 273 -7.99 -19.44 -3.76
N GLY B 274 -6.77 -18.97 -4.06
CA GLY B 274 -5.55 -19.67 -3.66
C GLY B 274 -4.93 -19.00 -2.46
N TYR B 275 -4.82 -19.74 -1.36
CA TYR B 275 -4.28 -19.21 -0.10
C TYR B 275 -2.87 -19.71 0.12
N ILE B 276 -2.03 -18.87 0.70
CA ILE B 276 -0.64 -19.21 0.99
C ILE B 276 -0.52 -19.38 2.51
N ASN B 277 -0.06 -20.57 2.92
CA ASN B 277 0.01 -20.97 4.33
C ASN B 277 -1.29 -20.60 5.09
N SER B 278 -1.22 -19.72 6.09
CA SER B 278 -2.39 -19.32 6.86
C SER B 278 -2.67 -17.83 6.74
N GLU B 279 -2.28 -17.24 5.61
CA GLU B 279 -2.50 -15.82 5.38
C GLU B 279 -3.95 -15.62 4.93
N THR B 280 -4.57 -14.59 5.51
CA THR B 280 -6.00 -14.36 5.41
C THR B 280 -6.48 -14.02 4.00
N GLN B 281 -5.79 -13.10 3.33
CA GLN B 281 -6.22 -12.66 2.00
C GLN B 281 -5.63 -13.64 0.97
N PRO B 282 -6.44 -14.07 -0.02
CA PRO B 282 -5.94 -14.95 -1.05
C PRO B 282 -4.73 -14.36 -1.74
N LEU B 283 -3.75 -15.22 -2.03
CA LEU B 283 -2.65 -14.84 -2.93
C LEU B 283 -3.19 -14.78 -4.37
N VAL B 284 -3.98 -15.77 -4.77
CA VAL B 284 -4.54 -15.79 -6.12
C VAL B 284 -6.08 -15.73 -6.07
N ARG B 285 -6.68 -14.88 -6.89
CA ARG B 285 -8.13 -14.80 -7.05
C ARG B 285 -8.44 -15.02 -8.51
N GLY B 286 -9.41 -15.89 -8.80
CA GLY B 286 -9.80 -16.16 -10.18
C GLY B 286 -11.20 -16.71 -10.35
N GLY B 287 -11.65 -16.75 -11.60
CA GLY B 287 -12.93 -17.35 -11.93
C GLY B 287 -13.54 -16.81 -13.20
N ARG B 288 -14.77 -17.27 -13.46
CA ARG B 288 -15.53 -16.88 -14.64
C ARG B 288 -16.10 -15.49 -14.45
N PHE B 289 -16.10 -14.70 -15.51
CA PHE B 289 -16.72 -13.38 -15.49
C PHE B 289 -17.26 -13.08 -16.89
N ASP B 290 -17.93 -11.94 -17.03
CA ASP B 290 -18.52 -11.54 -18.32
C ASP B 290 -17.51 -10.74 -19.17
N GLY B 291 -17.19 -11.28 -20.34
CA GLY B 291 -16.23 -10.71 -21.27
C GLY B 291 -16.81 -9.80 -22.32
N MET B 292 -17.89 -9.09 -21.99
CA MET B 292 -18.74 -8.40 -22.97
C MET B 292 -18.89 -6.94 -22.56
N PRO B 302 -22.58 -11.67 -26.45
CA PRO B 302 -22.22 -12.50 -25.29
C PRO B 302 -20.84 -13.16 -25.48
N ARG B 303 -19.90 -12.82 -24.60
CA ARG B 303 -18.51 -13.31 -24.70
C ARG B 303 -18.03 -13.86 -23.37
N GLN B 304 -17.63 -15.12 -23.39
CA GLN B 304 -17.18 -15.82 -22.19
C GLN B 304 -15.79 -15.30 -21.80
N ALA B 305 -15.52 -15.26 -20.50
CA ALA B 305 -14.19 -14.94 -20.01
C ALA B 305 -13.89 -15.68 -18.73
N THR B 306 -12.65 -16.14 -18.61
CA THR B 306 -12.14 -16.66 -17.34
C THR B 306 -10.67 -16.19 -17.12
N GLY B 307 -10.26 -16.07 -15.87
CA GLY B 307 -8.97 -15.52 -15.57
C GLY B 307 -8.61 -15.54 -14.10
N PHE B 308 -7.33 -15.31 -13.82
CA PHE B 308 -6.86 -15.09 -12.44
C PHE B 308 -5.88 -13.93 -12.37
N SER B 309 -5.70 -13.41 -11.17
CA SER B 309 -4.60 -12.49 -10.92
C SER B 309 -4.02 -12.66 -9.53
N MET B 310 -2.83 -12.11 -9.33
CA MET B 310 -2.14 -12.13 -8.04
C MET B 310 -1.19 -10.94 -7.88
N ASP B 311 -0.82 -10.64 -6.63
CA ASP B 311 0.14 -9.60 -6.31
C ASP B 311 1.51 -10.25 -6.23
N VAL B 312 2.34 -9.99 -7.25
CA VAL B 312 3.71 -10.52 -7.30
C VAL B 312 4.50 -10.14 -6.04
N SER B 313 4.25 -8.97 -5.47
CA SER B 313 4.99 -8.54 -4.28
C SER B 313 4.76 -9.42 -3.05
N ARG B 314 3.61 -10.11 -2.99
CA ARG B 314 3.36 -11.09 -1.91
C ARG B 314 4.15 -12.40 -2.03
N LEU B 315 4.72 -12.67 -3.21
CA LEU B 315 5.63 -13.81 -3.37
C LEU B 315 7.03 -13.61 -2.78
N LEU B 316 7.43 -12.34 -2.55
CA LEU B 316 8.80 -12.01 -2.12
C LEU B 316 9.18 -12.69 -0.81
N ALA B 317 8.26 -12.70 0.16
CA ALA B 317 8.51 -13.36 1.44
C ALA B 317 8.64 -14.90 1.37
N HIS B 318 8.24 -15.51 0.25
CA HIS B 318 8.16 -16.99 0.14
C HIS B 318 9.09 -17.57 -0.92
N THR B 319 9.95 -16.71 -1.49
CA THR B 319 10.87 -17.12 -2.54
C THR B 319 12.27 -16.67 -2.21
N GLN B 320 13.24 -17.36 -2.78
CA GLN B 320 14.65 -17.08 -2.54
C GLN B 320 15.41 -17.17 -3.85
N LEU B 321 16.31 -16.22 -4.08
CA LEU B 321 17.30 -16.33 -5.14
C LEU B 321 18.61 -16.81 -4.56
N ASP B 322 19.46 -17.36 -5.42
CA ASP B 322 20.85 -17.66 -5.03
C ASP B 322 21.55 -16.37 -4.64
N ALA B 323 22.42 -16.47 -3.64
CA ALA B 323 23.14 -15.31 -3.15
C ALA B 323 23.96 -14.69 -4.29
N PRO B 324 23.97 -13.34 -4.38
CA PRO B 324 24.66 -12.69 -5.51
C PRO B 324 26.18 -12.72 -5.31
N PHE B 325 26.89 -12.69 -6.43
CA PHE B 325 28.32 -12.46 -6.44
C PHE B 325 28.57 -10.97 -6.68
N ILE B 326 29.10 -10.30 -5.67
CA ILE B 326 29.37 -8.86 -5.70
C ILE B 326 30.88 -8.62 -5.63
N VAL B 327 31.43 -8.16 -6.76
CA VAL B 327 32.87 -8.12 -7.01
C VAL B 327 33.37 -6.68 -7.10
N LEU B 328 34.53 -6.43 -6.45
CA LEU B 328 35.26 -5.16 -6.57
C LEU B 328 36.63 -5.40 -7.20
N ILE B 329 36.92 -4.66 -8.25
CA ILE B 329 38.25 -4.66 -8.86
C ILE B 329 39.17 -3.80 -7.97
N ASP B 330 40.39 -4.28 -7.73
CA ASP B 330 41.36 -3.53 -6.92
C ASP B 330 41.75 -2.23 -7.64
N TYR B 331 41.51 -1.09 -6.98
CA TYR B 331 41.78 0.23 -7.56
C TYR B 331 43.26 0.40 -7.93
N ASP B 332 44.13 0.14 -6.96
CA ASP B 332 45.56 0.32 -7.13
C ASP B 332 46.12 -0.55 -8.25
N ALA B 333 45.86 -1.85 -8.19
CA ALA B 333 46.34 -2.78 -9.21
C ALA B 333 45.86 -2.42 -10.61
N PHE B 334 44.59 -2.01 -10.76
CA PHE B 334 44.05 -1.61 -12.07
C PHE B 334 44.78 -0.41 -12.68
N ASN B 335 45.07 0.59 -11.86
CA ASN B 335 45.79 1.80 -12.32
C ASN B 335 47.28 1.56 -12.63
N ASN B 336 47.88 0.51 -12.05
CA ASN B 336 49.24 0.07 -12.43
C ASN B 336 49.36 -0.57 -13.84
N LEU B 337 48.23 -0.92 -14.46
CA LEU B 337 48.24 -1.65 -15.73
C LEU B 337 48.57 -0.76 -16.92
N ASP B 338 49.27 -1.34 -17.91
CA ASP B 338 49.36 -0.73 -19.24
C ASP B 338 48.05 -0.90 -20.00
N SER B 339 47.94 -0.24 -21.15
CA SER B 339 46.67 -0.24 -21.92
C SER B 339 46.19 -1.64 -22.32
N ALA B 340 47.11 -2.47 -22.80
CA ALA B 340 46.80 -3.83 -23.22
C ALA B 340 46.35 -4.71 -22.04
N GLN B 341 47.01 -4.55 -20.89
CA GLN B 341 46.56 -5.19 -19.64
C GLN B 341 45.15 -4.77 -19.22
N ARG B 342 44.82 -3.48 -19.38
CA ARG B 342 43.50 -2.96 -19.03
C ARG B 342 42.42 -3.58 -19.93
N GLN B 343 42.69 -3.65 -21.22
CA GLN B 343 41.73 -4.22 -22.18
C GLN B 343 41.50 -5.71 -21.91
N LEU B 344 42.55 -6.46 -21.55
CA LEU B 344 42.38 -7.86 -21.14
C LEU B 344 41.52 -7.97 -19.88
N LEU B 345 41.78 -7.11 -18.89
CA LEU B 345 41.00 -7.11 -17.67
C LEU B 345 39.52 -6.76 -17.94
N LEU B 346 39.27 -5.77 -18.79
CA LEU B 346 37.89 -5.38 -19.13
C LEU B 346 37.14 -6.48 -19.92
N GLN B 347 37.84 -7.20 -20.77
CA GLN B 347 37.31 -8.39 -21.46
C GLN B 347 36.86 -9.45 -20.46
N GLN B 348 37.71 -9.69 -19.45
CA GLN B 348 37.42 -10.61 -18.35
C GLN B 348 36.20 -10.12 -17.56
N VAL B 349 36.16 -8.82 -17.26
CA VAL B 349 35.04 -8.22 -16.52
C VAL B 349 33.72 -8.36 -17.32
N ALA B 350 33.76 -8.10 -18.62
CA ALA B 350 32.59 -8.25 -19.50
C ALA B 350 32.04 -9.67 -19.47
N SER B 351 32.92 -10.66 -19.48
CA SER B 351 32.53 -12.06 -19.39
C SER B 351 31.90 -12.40 -18.04
N LEU B 352 32.48 -11.90 -16.94
CA LEU B 352 31.88 -12.08 -15.61
C LEU B 352 30.49 -11.47 -15.55
N ARG B 353 30.33 -10.27 -16.10
CA ARG B 353 29.03 -9.59 -16.09
C ARG B 353 27.96 -10.31 -16.93
N GLN B 354 28.36 -10.87 -18.07
CA GLN B 354 27.52 -11.72 -18.91
C GLN B 354 26.96 -12.91 -18.10
N GLN B 355 27.78 -13.47 -17.21
CA GLN B 355 27.36 -14.54 -16.31
C GLN B 355 26.55 -14.08 -15.08
N GLY B 356 26.30 -12.78 -14.92
CA GLY B 356 25.52 -12.27 -13.80
C GLY B 356 26.29 -11.82 -12.56
N TYR B 357 27.62 -11.87 -12.60
CA TYR B 357 28.44 -11.24 -11.53
C TYR B 357 28.23 -9.73 -11.57
N ARG B 358 28.16 -9.15 -10.38
CA ARG B 358 28.01 -7.72 -10.22
C ARG B 358 29.38 -7.11 -9.92
N VAL B 359 29.98 -6.51 -10.94
CA VAL B 359 31.36 -6.06 -10.89
C VAL B 359 31.41 -4.53 -10.93
N THR B 360 32.00 -3.97 -9.87
CA THR B 360 32.21 -2.54 -9.73
C THR B 360 33.65 -2.18 -10.15
N MET B 361 33.76 -1.32 -11.15
CA MET B 361 35.02 -0.64 -11.50
C MET B 361 35.17 0.57 -10.56
N PRO B 362 36.15 0.54 -9.63
CA PRO B 362 36.19 1.58 -8.60
C PRO B 362 36.63 2.96 -9.13
N LEU B 363 35.96 4.01 -8.65
CA LEU B 363 36.31 5.39 -9.00
C LEU B 363 37.46 5.92 -8.13
N THR B 364 37.48 5.48 -6.88
CA THR B 364 38.49 5.84 -5.91
C THR B 364 38.90 4.61 -5.11
N ALA B 365 39.98 4.76 -4.35
CA ALA B 365 40.49 3.72 -3.45
C ALA B 365 39.53 3.32 -2.33
N GLU B 366 38.55 4.18 -2.01
CA GLU B 366 37.51 3.89 -1.00
C GLU B 366 36.20 3.33 -1.57
N ASP B 367 35.99 3.45 -2.88
CA ASP B 367 34.76 2.98 -3.56
C ASP B 367 34.51 1.50 -3.27
N MET B 368 33.52 1.21 -2.42
CA MET B 368 33.19 -0.15 -2.01
C MET B 368 31.70 -0.45 -2.18
N PRO B 369 31.36 -1.49 -2.98
CA PRO B 369 29.93 -1.84 -3.11
C PRO B 369 29.35 -2.46 -1.83
N VAL B 370 28.05 -2.26 -1.64
CA VAL B 370 27.30 -2.84 -0.53
C VAL B 370 27.30 -4.35 -0.72
N GLY B 371 27.58 -5.09 0.36
CA GLY B 371 27.45 -6.55 0.35
C GLY B 371 28.55 -7.26 -0.41
N LEU B 372 29.76 -6.68 -0.39
CA LEU B 372 30.94 -7.22 -1.08
C LEU B 372 31.18 -8.69 -0.71
N THR B 373 31.22 -9.56 -1.72
CA THR B 373 31.57 -10.97 -1.52
C THR B 373 32.98 -11.34 -1.98
N HIS B 374 33.47 -10.66 -3.01
CA HIS B 374 34.74 -10.99 -3.66
C HIS B 374 35.49 -9.76 -4.11
N ARG B 375 36.82 -9.90 -4.13
CA ARG B 375 37.67 -8.92 -4.79
C ARG B 375 38.29 -9.61 -6.00
N LEU B 376 38.41 -8.86 -7.09
CA LEU B 376 39.17 -9.31 -8.24
C LEU B 376 40.55 -8.68 -8.11
N SER B 377 41.54 -9.53 -7.82
CA SER B 377 42.87 -9.10 -7.39
C SER B 377 43.94 -9.66 -8.32
N LEU B 378 45.02 -8.89 -8.47
CA LEU B 378 46.17 -9.31 -9.25
C LEU B 378 47.19 -10.01 -8.35
N ALA B 379 47.52 -11.25 -8.71
CA ALA B 379 48.60 -12.00 -8.07
C ALA B 379 49.42 -12.66 -9.18
N ASP B 380 50.73 -12.35 -9.21
CA ASP B 380 51.67 -12.80 -10.25
C ASP B 380 51.11 -12.84 -11.68
N ASN B 381 50.82 -11.67 -12.22
CA ASN B 381 50.28 -11.49 -13.57
C ASN B 381 48.99 -12.28 -13.89
N GLN B 382 48.15 -12.48 -12.86
CA GLN B 382 46.88 -13.22 -13.01
C GLN B 382 45.77 -12.57 -12.18
N TRP B 383 44.67 -12.21 -12.83
CA TRP B 383 43.50 -11.69 -12.12
C TRP B 383 42.58 -12.83 -11.70
N ARG B 384 42.53 -13.10 -10.39
CA ARG B 384 41.62 -14.12 -9.83
C ARG B 384 40.61 -13.51 -8.85
N LEU B 385 39.48 -14.21 -8.68
CA LEU B 385 38.48 -13.84 -7.68
C LEU B 385 38.84 -14.48 -6.35
N HIS B 386 38.87 -13.68 -5.28
CA HIS B 386 39.11 -14.17 -3.93
C HIS B 386 37.96 -13.73 -3.05
N ALA B 387 37.42 -14.66 -2.25
CA ALA B 387 36.36 -14.34 -1.30
C ALA B 387 36.94 -13.47 -0.17
N VAL B 388 36.12 -12.53 0.32
CA VAL B 388 36.58 -11.59 1.36
C VAL B 388 36.50 -12.21 2.76
N LEU C 23 -23.23 32.08 32.77
CA LEU C 23 -22.39 33.30 32.62
C LEU C 23 -20.98 33.15 33.22
N GLY C 24 -20.83 32.30 34.24
CA GLY C 24 -19.52 32.07 34.87
C GLY C 24 -18.54 31.26 34.04
N LEU C 25 -17.42 30.87 34.64
CA LEU C 25 -16.44 29.99 33.99
C LEU C 25 -16.78 28.55 34.24
N THR C 26 -16.58 27.71 33.22
CA THR C 26 -16.75 26.25 33.34
C THR C 26 -15.36 25.61 33.30
N LEU C 27 -15.04 24.81 34.32
CA LEU C 27 -13.72 24.22 34.50
C LEU C 27 -13.76 22.71 34.26
N ALA C 28 -13.02 22.23 33.26
CA ALA C 28 -13.01 20.82 32.90
C ALA C 28 -11.86 20.11 33.60
N LEU C 29 -12.19 19.18 34.50
CA LEU C 29 -11.18 18.38 35.20
C LEU C 29 -11.15 16.94 34.72
N SER C 30 -9.95 16.37 34.70
CA SER C 30 -9.75 14.96 34.36
C SER C 30 -10.08 14.08 35.58
N LYS C 31 -10.91 13.05 35.38
CA LYS C 31 -11.28 12.09 36.43
C LYS C 31 -10.10 11.13 36.59
N GLY C 32 -9.96 10.55 37.78
CA GLY C 32 -8.94 9.52 38.05
C GLY C 32 -7.64 10.08 38.60
N ARG C 33 -6.53 9.75 37.95
CA ARG C 33 -5.19 10.00 38.51
C ARG C 33 -4.87 11.49 38.67
N ILE C 34 -5.31 12.28 37.69
CA ILE C 34 -5.03 13.71 37.64
C ILE C 34 -5.81 14.48 38.72
N LEU C 35 -7.06 14.09 38.95
CA LEU C 35 -7.96 14.77 39.91
C LEU C 35 -7.42 14.85 41.33
N GLU C 36 -6.68 13.83 41.75
CA GLU C 36 -6.12 13.77 43.11
C GLU C 36 -5.12 14.90 43.38
N GLU C 37 -4.19 15.10 42.44
CA GLU C 37 -3.15 16.15 42.56
C GLU C 37 -3.62 17.56 42.16
N THR C 38 -4.82 17.67 41.58
CA THR C 38 -5.38 18.97 41.18
C THR C 38 -6.06 19.67 42.36
N MET C 39 -6.73 18.91 43.22
CA MET C 39 -7.55 19.45 44.33
C MET C 39 -6.83 20.50 45.21
N PRO C 40 -5.55 20.24 45.60
CA PRO C 40 -4.78 21.26 46.33
C PRO C 40 -4.56 22.58 45.57
N LEU C 41 -4.33 22.49 44.26
CA LEU C 41 -4.15 23.69 43.42
C LEU C 41 -5.42 24.54 43.33
N LEU C 42 -6.57 23.86 43.30
CA LEU C 42 -7.86 24.52 43.25
C LEU C 42 -8.15 25.28 44.53
N ARG C 43 -8.04 24.59 45.67
CA ARG C 43 -8.34 25.18 46.99
C ARG C 43 -7.53 26.46 47.26
N ALA C 44 -6.28 26.49 46.83
CA ALA C 44 -5.44 27.69 46.88
C ALA C 44 -6.00 28.84 46.03
N ALA C 45 -6.62 28.49 44.90
CA ALA C 45 -7.31 29.46 44.03
C ALA C 45 -8.67 29.97 44.50
N GLY C 46 -9.24 29.45 45.58
CA GLY C 46 -10.61 29.82 45.94
C GLY C 46 -11.72 29.05 45.25
N VAL C 47 -11.34 28.04 44.46
CA VAL C 47 -12.28 27.04 43.94
C VAL C 47 -12.13 25.74 44.74
N GLU C 48 -13.26 25.19 45.19
CA GLU C 48 -13.28 23.88 45.86
C GLU C 48 -14.68 23.30 45.79
N LEU C 49 -14.75 21.98 45.59
CA LEU C 49 -16.03 21.31 45.37
C LEU C 49 -16.80 21.20 46.69
N LEU C 50 -18.13 21.33 46.60
CA LEU C 50 -19.00 21.26 47.78
C LEU C 50 -19.34 19.82 48.14
N GLU C 51 -19.58 18.99 47.12
CA GLU C 51 -19.84 17.55 47.30
C GLU C 51 -18.53 16.79 47.01
N ASP C 52 -18.62 15.47 46.89
CA ASP C 52 -17.50 14.66 46.40
C ASP C 52 -17.92 13.90 45.12
N PRO C 53 -17.00 13.79 44.13
CA PRO C 53 -17.27 13.01 42.92
C PRO C 53 -17.57 11.52 43.10
N GLU C 54 -17.11 10.88 44.18
CA GLU C 54 -17.26 9.44 44.38
C GLU C 54 -18.70 9.08 44.81
N ALA C 55 -19.21 9.76 45.84
CA ALA C 55 -20.56 9.48 46.35
C ALA C 55 -21.65 9.88 45.34
N SER C 56 -21.45 11.02 44.69
CA SER C 56 -22.48 11.63 43.83
C SER C 56 -22.27 11.25 42.37
N ARG C 57 -23.36 10.92 41.67
CA ARG C 57 -23.34 10.74 40.20
C ARG C 57 -23.75 12.02 39.46
N LYS C 58 -23.39 13.19 40.01
CA LYS C 58 -23.67 14.46 39.37
C LYS C 58 -22.54 14.74 38.38
N LEU C 59 -22.90 15.30 37.23
CA LEU C 59 -21.93 15.65 36.19
C LEU C 59 -21.43 17.09 36.30
N ILE C 60 -22.31 18.01 36.69
CA ILE C 60 -21.96 19.43 36.85
C ILE C 60 -21.93 19.79 38.35
N PHE C 61 -20.77 20.28 38.82
CA PHE C 61 -20.52 20.54 40.24
C PHE C 61 -20.37 22.04 40.54
N PRO C 62 -21.20 22.59 41.43
CA PRO C 62 -20.94 23.94 41.94
C PRO C 62 -19.69 23.99 42.85
N THR C 63 -19.11 25.18 43.00
CA THR C 63 -17.89 25.37 43.79
C THR C 63 -18.07 26.47 44.84
N SER C 64 -17.05 26.64 45.67
CA SER C 64 -16.99 27.75 46.64
C SER C 64 -17.12 29.12 45.97
N ASN C 65 -16.47 29.28 44.81
CA ASN C 65 -16.67 30.45 43.96
C ASN C 65 -17.99 30.28 43.20
N PRO C 66 -18.94 31.25 43.32
CA PRO C 66 -20.17 31.15 42.52
C PRO C 66 -19.99 31.41 41.02
N ASN C 67 -18.89 32.07 40.63
CA ASN C 67 -18.57 32.29 39.21
C ASN C 67 -17.88 31.11 38.52
N VAL C 68 -17.55 30.04 39.26
CA VAL C 68 -16.88 28.88 38.68
C VAL C 68 -17.73 27.62 38.84
N ARG C 69 -17.83 26.87 37.75
CA ARG C 69 -18.54 25.61 37.66
C ARG C 69 -17.50 24.56 37.30
N VAL C 70 -17.73 23.31 37.71
CA VAL C 70 -16.76 22.24 37.46
C VAL C 70 -17.41 21.05 36.75
N LEU C 71 -16.69 20.48 35.79
CA LEU C 71 -17.06 19.26 35.09
C LEU C 71 -15.96 18.24 35.35
N ILE C 72 -16.36 17.05 35.82
CA ILE C 72 -15.45 15.93 36.04
C ILE C 72 -15.61 15.00 34.84
N LEU C 73 -14.58 14.96 33.99
CA LEU C 73 -14.64 14.25 32.71
C LEU C 73 -13.54 13.21 32.59
N ARG C 74 -13.72 12.27 31.68
CA ARG C 74 -12.63 11.41 31.22
C ARG C 74 -11.44 12.29 30.81
N ALA C 75 -10.23 11.84 31.12
CA ALA C 75 -9.03 12.59 30.76
C ALA C 75 -8.95 12.88 29.25
N SER C 76 -9.36 11.89 28.44
CA SER C 76 -9.39 12.03 26.98
C SER C 76 -10.40 13.07 26.46
N ASP C 77 -11.47 13.32 27.19
CA ASP C 77 -12.52 14.27 26.79
C ASP C 77 -12.27 15.74 27.15
N VAL C 78 -11.33 16.02 28.07
CA VAL C 78 -11.11 17.39 28.54
C VAL C 78 -10.77 18.34 27.38
N PRO C 79 -9.77 17.99 26.53
CA PRO C 79 -9.42 18.88 25.41
C PRO C 79 -10.55 19.14 24.42
N THR C 80 -11.43 18.16 24.22
CA THR C 80 -12.59 18.30 23.35
C THR C 80 -13.57 19.34 23.91
N TYR C 81 -13.91 19.21 25.19
CA TYR C 81 -14.80 20.17 25.84
C TYR C 81 -14.25 21.60 25.83
N VAL C 82 -12.95 21.75 26.06
CA VAL C 82 -12.33 23.08 26.06
C VAL C 82 -12.28 23.65 24.64
N GLU C 83 -11.80 22.86 23.69
CA GLU C 83 -11.67 23.32 22.28
C GLU C 83 -12.97 23.83 21.67
N HIS C 84 -14.07 23.13 21.92
CA HIS C 84 -15.41 23.57 21.47
C HIS C 84 -16.06 24.65 22.34
N GLY C 85 -15.44 25.04 23.45
CA GLY C 85 -15.97 26.07 24.34
C GLY C 85 -17.11 25.62 25.24
N ALA C 86 -17.31 24.31 25.39
CA ALA C 86 -18.27 23.77 26.37
C ALA C 86 -17.71 23.89 27.79
N ALA C 87 -16.38 23.95 27.87
CA ALA C 87 -15.67 24.39 29.06
C ALA C 87 -14.76 25.53 28.63
N ASP C 88 -14.56 26.49 29.53
CA ASP C 88 -13.74 27.66 29.26
C ASP C 88 -12.26 27.36 29.41
N PHE C 89 -11.96 26.48 30.36
CA PHE C 89 -10.60 26.06 30.65
C PHE C 89 -10.59 24.70 31.35
N GLY C 90 -9.43 24.07 31.43
CA GLY C 90 -9.35 22.73 32.00
C GLY C 90 -7.96 22.25 32.32
N VAL C 91 -7.92 21.14 33.06
CA VAL C 91 -6.68 20.44 33.42
C VAL C 91 -6.64 19.14 32.63
N ALA C 92 -5.56 18.93 31.88
CA ALA C 92 -5.47 17.81 30.97
C ALA C 92 -4.04 17.33 30.89
N GLY C 93 -3.86 16.01 30.77
CA GLY C 93 -2.53 15.40 30.61
C GLY C 93 -1.89 15.83 29.29
N LYS C 94 -0.59 16.04 29.31
CA LYS C 94 0.16 16.40 28.09
C LYS C 94 0.18 15.26 27.06
N ASP C 95 0.13 14.01 27.54
CA ASP C 95 -0.03 12.84 26.68
C ASP C 95 -1.35 12.92 25.90
N VAL C 96 -2.41 13.37 26.56
CA VAL C 96 -3.71 13.52 25.91
C VAL C 96 -3.70 14.67 24.90
N LEU C 97 -3.06 15.78 25.24
CA LEU C 97 -2.96 16.95 24.34
C LEU C 97 -2.17 16.67 23.06
N LEU C 98 -1.04 16.00 23.19
CA LEU C 98 -0.23 15.61 22.04
C LEU C 98 -0.96 14.64 21.12
N GLU C 99 -1.65 13.66 21.69
CA GLU C 99 -2.43 12.69 20.93
C GLU C 99 -3.67 13.31 20.27
N HIS C 100 -4.32 14.21 21.01
CA HIS C 100 -5.51 14.93 20.52
C HIS C 100 -5.15 15.94 19.42
N GLY C 101 -4.00 16.60 19.55
CA GLY C 101 -3.63 17.75 18.73
C GLY C 101 -4.31 18.99 19.29
N ALA C 102 -3.61 19.72 20.16
CA ALA C 102 -4.16 20.90 20.84
C ALA C 102 -4.14 22.15 19.96
N ASN C 103 -4.80 22.07 18.81
CA ASN C 103 -4.66 23.07 17.74
C ASN C 103 -5.38 24.36 18.07
N HIS C 104 -6.59 24.25 18.64
CA HIS C 104 -7.44 25.42 18.89
C HIS C 104 -7.56 25.80 20.38
N VAL C 105 -6.54 25.48 21.18
CA VAL C 105 -6.52 25.87 22.59
C VAL C 105 -5.15 26.40 22.99
N TYR C 106 -5.15 27.22 24.03
CA TYR C 106 -3.92 27.78 24.58
C TYR C 106 -3.44 26.90 25.73
N GLU C 107 -2.23 26.37 25.62
CA GLU C 107 -1.60 25.63 26.73
C GLU C 107 -0.80 26.64 27.58
N LEU C 108 -1.50 27.21 28.57
CA LEU C 108 -0.97 28.36 29.33
C LEU C 108 0.06 28.03 30.40
N LEU C 109 -0.14 26.93 31.14
CA LEU C 109 0.74 26.61 32.28
C LEU C 109 1.04 25.12 32.41
N ASP C 110 2.31 24.81 32.66
CA ASP C 110 2.74 23.49 33.08
C ASP C 110 2.51 23.40 34.60
N LEU C 111 1.49 22.64 35.00
CA LEU C 111 1.14 22.50 36.42
C LEU C 111 2.14 21.63 37.22
N LYS C 112 2.95 20.83 36.53
CA LYS C 112 3.96 19.94 37.14
C LYS C 112 3.34 18.92 38.10
N ILE C 113 2.13 18.45 37.78
CA ILE C 113 1.46 17.40 38.54
C ILE C 113 1.15 16.22 37.63
N ALA C 114 0.95 15.05 38.25
CA ALA C 114 0.66 13.79 37.56
C ALA C 114 1.76 13.48 36.54
N GLN C 115 3.01 13.57 36.98
CA GLN C 115 4.16 13.48 36.09
C GLN C 115 4.44 12.02 35.73
N CYS C 116 4.83 11.80 34.48
CA CYS C 116 5.13 10.48 33.95
C CYS C 116 5.89 10.65 32.62
N LYS C 117 6.16 9.56 31.92
CA LYS C 117 6.82 9.60 30.62
C LYS C 117 6.02 8.79 29.63
N LEU C 118 6.00 9.20 28.36
CA LEU C 118 5.55 8.34 27.26
C LEU C 118 6.77 7.59 26.77
N MET C 119 6.65 6.27 26.65
CA MET C 119 7.78 5.42 26.26
C MET C 119 7.33 4.32 25.32
N THR C 120 8.30 3.71 24.64
CA THR C 120 8.10 2.43 23.97
C THR C 120 8.48 1.31 24.94
N ALA C 121 7.79 0.18 24.83
CA ALA C 121 8.13 -1.02 25.61
C ALA C 121 7.83 -2.30 24.82
N GLY C 122 8.75 -3.25 24.91
CA GLY C 122 8.56 -4.59 24.33
C GLY C 122 8.80 -5.66 25.38
N VAL C 123 8.81 -6.91 24.94
CA VAL C 123 9.07 -8.05 25.83
C VAL C 123 10.56 -8.02 26.23
N LYS C 124 10.85 -8.45 27.45
CA LYS C 124 12.20 -8.42 27.99
C LYS C 124 13.17 -9.26 27.15
N ASP C 125 14.22 -8.60 26.64
CA ASP C 125 15.28 -9.22 25.82
C ASP C 125 14.84 -9.81 24.46
N ALA C 126 13.61 -9.56 24.04
CA ALA C 126 13.09 -10.14 22.79
C ALA C 126 13.62 -9.35 21.58
N PRO C 127 13.99 -10.06 20.49
CA PRO C 127 14.53 -9.36 19.33
C PRO C 127 13.45 -8.70 18.47
N LEU C 128 13.79 -7.58 17.84
CA LEU C 128 12.88 -6.91 16.90
C LEU C 128 12.81 -7.75 15.62
N PRO C 129 11.58 -8.08 15.16
CA PRO C 129 11.45 -8.93 13.97
C PRO C 129 11.86 -8.20 12.69
N ASN C 130 12.14 -8.96 11.63
CA ASN C 130 12.55 -8.43 10.33
C ASN C 130 11.30 -8.06 9.49
N ARG C 131 10.63 -7.01 9.94
CA ARG C 131 9.40 -6.53 9.28
C ARG C 131 9.07 -5.11 9.75
N ARG C 132 8.05 -4.49 9.14
CA ARG C 132 7.38 -3.34 9.75
C ARG C 132 6.99 -3.69 11.17
N LEU C 133 7.48 -2.91 12.13
CA LEU C 133 7.11 -3.07 13.54
C LEU C 133 5.61 -2.77 13.71
N ARG C 134 4.92 -3.66 14.42
CA ARG C 134 3.52 -3.48 14.75
C ARG C 134 3.42 -2.89 16.15
N ILE C 135 2.85 -1.69 16.26
CA ILE C 135 2.79 -0.94 17.52
C ILE C 135 1.37 -0.95 18.04
N ALA C 136 1.16 -1.46 19.26
CA ALA C 136 -0.16 -1.47 19.89
C ALA C 136 -0.20 -0.35 20.91
N THR C 137 -1.10 0.61 20.72
CA THR C 137 -1.15 1.78 21.58
C THR C 137 -2.50 2.51 21.57
N LYS C 138 -2.74 3.26 22.64
CA LYS C 138 -3.80 4.27 22.68
C LYS C 138 -3.31 5.52 21.93
N TYR C 139 -2.01 5.77 21.98
CA TYR C 139 -1.41 7.00 21.48
C TYR C 139 -0.92 6.79 20.04
N VAL C 140 -1.86 6.68 19.10
CA VAL C 140 -1.54 6.32 17.70
C VAL C 140 -0.85 7.44 16.92
N ASN C 141 -1.32 8.68 17.09
CA ASN C 141 -0.66 9.85 16.49
C ASN C 141 0.73 10.09 17.07
N VAL C 142 0.87 9.93 18.39
CA VAL C 142 2.19 10.06 19.05
C VAL C 142 3.15 8.96 18.58
N ALA C 143 2.67 7.71 18.56
CA ALA C 143 3.47 6.59 18.07
C ALA C 143 3.95 6.83 16.64
N ARG C 144 3.02 7.11 15.76
CA ARG C 144 3.34 7.35 14.34
C ARG C 144 4.37 8.46 14.20
N ALA C 145 4.14 9.58 14.89
CA ALA C 145 5.05 10.72 14.87
C ALA C 145 6.44 10.37 15.41
N TYR C 146 6.49 9.71 16.56
CA TYR C 146 7.77 9.32 17.16
C TYR C 146 8.57 8.41 16.25
N PHE C 147 7.95 7.33 15.77
CA PHE C 147 8.63 6.37 14.88
C PHE C 147 8.97 6.97 13.52
N ALA C 148 8.17 7.94 13.06
CA ALA C 148 8.51 8.73 11.87
C ALA C 148 9.78 9.59 12.09
N SER C 149 9.91 10.20 13.27
CA SER C 149 11.11 10.98 13.62
C SER C 149 12.37 10.11 13.78
N GLN C 150 12.21 8.82 14.10
CA GLN C 150 13.31 7.83 14.09
C GLN C 150 13.49 7.15 12.72
N GLY C 151 12.82 7.64 11.68
CA GLY C 151 12.91 7.09 10.33
C GLY C 151 12.48 5.64 10.22
N GLN C 152 11.53 5.23 11.07
CA GLN C 152 11.01 3.87 11.07
C GLN C 152 9.55 3.85 10.62
N GLN C 153 9.23 2.85 9.80
CA GLN C 153 7.89 2.69 9.26
C GLN C 153 7.15 1.69 10.14
N VAL C 154 5.96 2.04 10.61
CA VAL C 154 5.22 1.19 11.57
C VAL C 154 3.78 0.94 11.16
N ASP C 155 3.28 -0.24 11.52
CA ASP C 155 1.87 -0.55 11.47
C ASP C 155 1.30 -0.32 12.87
N VAL C 156 0.44 0.68 13.01
CA VAL C 156 -0.12 1.04 14.32
C VAL C 156 -1.46 0.34 14.54
N ILE C 157 -1.65 -0.24 15.72
CA ILE C 157 -2.90 -0.87 16.13
C ILE C 157 -3.48 -0.08 17.30
N LYS C 158 -4.72 0.39 17.14
CA LYS C 158 -5.42 1.17 18.14
C LYS C 158 -6.00 0.26 19.25
N LEU C 159 -5.68 0.59 20.50
CA LEU C 159 -6.25 -0.03 21.68
C LEU C 159 -6.69 1.05 22.66
N TYR C 160 -7.65 0.72 23.51
CA TYR C 160 -8.15 1.64 24.54
C TYR C 160 -7.74 1.28 25.98
N GLY C 161 -7.33 0.04 26.26
CA GLY C 161 -6.88 -0.34 27.59
C GLY C 161 -5.94 -1.53 27.64
N SER C 162 -5.20 -1.62 28.74
CA SER C 162 -4.34 -2.77 29.07
C SER C 162 -3.27 -3.02 28.01
N MET C 163 -2.46 -1.99 27.77
CA MET C 163 -1.39 -2.05 26.77
C MET C 163 -0.40 -3.18 27.06
N GLU C 164 -0.06 -3.33 28.35
CA GLU C 164 0.79 -4.43 28.86
C GLU C 164 0.50 -5.81 28.25
N LEU C 165 -0.78 -6.12 28.04
CA LEU C 165 -1.20 -7.41 27.51
C LEU C 165 -0.79 -7.64 26.05
N ALA C 166 -0.86 -6.60 25.22
CA ALA C 166 -0.75 -6.75 23.76
C ALA C 166 0.47 -7.56 23.27
N PRO C 167 1.69 -7.22 23.75
CA PRO C 167 2.86 -8.03 23.31
C PRO C 167 2.88 -9.49 23.83
N LEU C 168 2.24 -9.76 24.96
CA LEU C 168 2.25 -11.10 25.57
C LEU C 168 1.44 -12.15 24.80
N VAL C 169 0.41 -11.72 24.06
CA VAL C 169 -0.37 -12.63 23.19
C VAL C 169 -0.12 -12.38 21.70
N GLY C 170 0.97 -11.68 21.37
CA GLY C 170 1.39 -11.46 20.00
C GLY C 170 0.74 -10.32 19.22
N LEU C 171 -0.20 -9.59 19.84
CA LEU C 171 -0.84 -8.43 19.20
C LEU C 171 0.15 -7.27 19.25
N GLY C 172 1.05 -7.22 18.30
CA GLY C 172 2.07 -6.15 18.28
C GLY C 172 3.41 -6.49 18.88
N ASP C 173 4.45 -5.91 18.30
CA ASP C 173 5.83 -6.15 18.73
C ASP C 173 6.18 -5.25 19.91
N LEU C 174 5.85 -3.97 19.79
CA LEU C 174 6.05 -2.99 20.86
C LEU C 174 4.72 -2.35 21.26
N ILE C 175 4.74 -1.70 22.42
CA ILE C 175 3.66 -0.81 22.83
C ILE C 175 4.20 0.60 23.01
N VAL C 176 3.28 1.56 23.08
CA VAL C 176 3.55 2.92 23.53
C VAL C 176 2.54 3.22 24.63
N ASP C 177 3.03 3.65 25.80
CA ASP C 177 2.16 3.92 26.95
C ASP C 177 2.84 4.84 27.95
N VAL C 178 2.05 5.43 28.85
CA VAL C 178 2.60 6.23 29.94
C VAL C 178 3.22 5.34 31.03
N VAL C 179 4.43 5.69 31.43
CA VAL C 179 5.20 4.95 32.42
C VAL C 179 5.68 5.94 33.47
N ASP C 180 5.52 5.58 34.75
CA ASP C 180 6.04 6.37 35.86
C ASP C 180 7.17 5.58 36.54
N THR C 181 6.84 4.60 37.37
CA THR C 181 7.84 3.80 38.08
C THR C 181 8.41 2.65 37.23
N GLY C 182 7.65 2.20 36.22
CA GLY C 182 8.02 1.04 35.42
C GLY C 182 7.60 -0.31 35.99
N ASN C 183 6.86 -0.31 37.11
CA ASN C 183 6.48 -1.56 37.79
C ASN C 183 5.45 -2.38 37.03
N THR C 184 4.50 -1.72 36.36
CA THR C 184 3.48 -2.42 35.57
C THR C 184 4.11 -3.16 34.40
N LEU C 185 5.08 -2.51 33.74
CA LEU C 185 5.85 -3.13 32.68
C LEU C 185 6.66 -4.34 33.18
N ARG C 186 7.41 -4.14 34.27
CA ARG C 186 8.24 -5.20 34.85
C ARG C 186 7.43 -6.37 35.41
N ALA C 187 6.27 -6.07 36.01
CA ALA C 187 5.36 -7.11 36.51
C ALA C 187 4.72 -7.99 35.41
N ASN C 188 4.76 -7.53 34.15
CA ASN C 188 4.25 -8.31 33.02
C ASN C 188 5.35 -8.81 32.06
N GLY C 189 6.61 -8.79 32.52
CA GLY C 189 7.73 -9.27 31.73
C GLY C 189 8.18 -8.36 30.59
N LEU C 190 7.81 -7.07 30.66
CA LEU C 190 8.19 -6.08 29.65
C LEU C 190 9.28 -5.15 30.18
N GLU C 191 10.01 -4.53 29.26
CA GLU C 191 11.01 -3.50 29.58
C GLU C 191 10.78 -2.27 28.71
N ALA C 192 11.08 -1.09 29.26
CA ALA C 192 11.07 0.15 28.47
C ALA C 192 12.22 0.13 27.46
N ARG C 193 12.00 0.76 26.30
CA ARG C 193 13.00 0.76 25.21
C ARG C 193 13.47 2.17 24.88
N ASP C 194 12.54 3.03 24.48
CA ASP C 194 12.85 4.41 24.10
C ASP C 194 12.04 5.39 24.92
N HIS C 195 12.68 6.50 25.31
CA HIS C 195 11.99 7.63 25.91
C HIS C 195 11.47 8.49 24.77
N ILE C 196 10.17 8.76 24.76
CA ILE C 196 9.54 9.60 23.74
C ILE C 196 9.51 11.04 24.25
N CYS C 197 8.88 11.25 25.40
CA CYS C 197 8.85 12.58 26.03
C CYS C 197 8.31 12.56 27.47
N ASP C 198 8.61 13.63 28.21
CA ASP C 198 8.06 13.86 29.55
C ASP C 198 6.60 14.33 29.48
N VAL C 199 5.83 13.95 30.49
CA VAL C 199 4.40 14.26 30.54
C VAL C 199 4.04 14.84 31.90
N SER C 200 3.17 15.84 31.91
CA SER C 200 2.55 16.36 33.12
C SER C 200 1.20 16.98 32.76
N SER C 201 0.34 17.16 33.75
CA SER C 201 -0.93 17.85 33.51
C SER C 201 -0.69 19.33 33.21
N ARG C 202 -1.47 19.86 32.28
CA ARG C 202 -1.36 21.24 31.84
C ARG C 202 -2.68 21.96 32.01
N LEU C 203 -2.58 23.28 32.17
CA LEU C 203 -3.74 24.17 32.20
C LEU C 203 -4.02 24.65 30.79
N ILE C 204 -5.17 24.26 30.24
CA ILE C 204 -5.57 24.69 28.90
C ILE C 204 -6.76 25.65 28.96
N VAL C 205 -6.78 26.64 28.07
CA VAL C 205 -7.88 27.61 27.95
C VAL C 205 -8.39 27.77 26.51
N ASN C 206 -9.71 27.82 26.36
CA ASN C 206 -10.37 28.07 25.08
C ASN C 206 -9.97 29.46 24.53
N GLN C 207 -9.57 29.51 23.26
CA GLN C 207 -9.15 30.77 22.60
C GLN C 207 -10.14 31.92 22.81
N VAL C 208 -11.42 31.65 22.60
CA VAL C 208 -12.45 32.69 22.72
C VAL C 208 -12.66 33.11 24.18
N SER C 209 -12.70 32.16 25.11
CA SER C 209 -12.85 32.44 26.54
C SER C 209 -11.72 33.35 27.06
N TYR C 210 -10.50 33.09 26.59
CA TYR C 210 -9.33 33.89 26.98
C TYR C 210 -9.47 35.38 26.67
N LYS C 211 -10.14 35.69 25.55
CA LYS C 211 -10.36 37.06 25.11
C LYS C 211 -11.55 37.65 25.85
N ARG C 212 -12.66 36.92 25.89
CA ARG C 212 -13.94 37.43 26.41
C ARG C 212 -14.07 37.43 27.94
N LYS C 213 -13.41 36.48 28.62
CA LYS C 213 -13.58 36.29 30.07
C LYS C 213 -12.23 36.31 30.83
N PHE C 214 -11.32 37.17 30.38
CA PHE C 214 -10.00 37.30 31.01
C PHE C 214 -10.10 37.83 32.44
N ALA C 215 -11.04 38.75 32.70
CA ALA C 215 -11.24 39.34 34.02
C ALA C 215 -11.56 38.27 35.06
N LEU C 216 -12.41 37.31 34.69
CA LEU C 216 -12.74 36.18 35.56
C LEU C 216 -11.55 35.20 35.70
N LEU C 217 -10.81 35.01 34.61
CA LEU C 217 -9.69 34.04 34.57
C LEU C 217 -8.42 34.47 35.31
N GLU C 218 -7.99 35.71 35.12
CA GLU C 218 -6.67 36.18 35.61
C GLU C 218 -6.35 35.85 37.09
N PRO C 219 -7.29 36.09 38.02
CA PRO C 219 -7.01 35.75 39.42
C PRO C 219 -6.81 34.25 39.70
N ILE C 220 -7.54 33.41 38.97
CA ILE C 220 -7.41 31.95 39.09
C ILE C 220 -6.09 31.48 38.45
N LEU C 221 -5.80 32.00 37.25
CA LEU C 221 -4.52 31.75 36.56
C LEU C 221 -3.29 32.16 37.38
N ASP C 222 -3.37 33.28 38.08
CA ASP C 222 -2.26 33.78 38.91
C ASP C 222 -2.06 32.93 40.17
N SER C 223 -3.14 32.44 40.76
CA SER C 223 -3.05 31.57 41.94
C SER C 223 -2.50 30.17 41.58
N PHE C 224 -2.90 29.63 40.42
CA PHE C 224 -2.31 28.38 39.91
C PHE C 224 -0.81 28.58 39.66
N LYS C 225 -0.44 29.72 39.06
CA LYS C 225 0.96 30.07 38.81
C LYS C 225 1.76 30.15 40.12
N ASN C 226 1.17 30.75 41.16
CA ASN C 226 1.80 30.82 42.49
C ASN C 226 1.91 29.47 43.19
N SER C 227 0.92 28.60 42.97
CA SER C 227 0.92 27.25 43.56
C SER C 227 1.98 26.28 43.01
N ILE C 228 2.86 26.74 42.13
CA ILE C 228 4.12 26.05 41.85
C ILE C 228 5.13 27.02 41.24
N PHE D 22 1.11 -21.21 23.31
CA PHE D 22 -0.24 -21.72 23.70
C PHE D 22 -1.02 -22.26 22.50
N LEU D 23 -1.33 -23.57 22.55
CA LEU D 23 -1.97 -24.28 21.44
C LEU D 23 -3.49 -24.36 21.51
N GLY D 24 -4.07 -24.17 22.69
CA GLY D 24 -5.54 -24.10 22.85
C GLY D 24 -6.19 -22.83 22.31
N LEU D 25 -7.45 -22.62 22.69
CA LEU D 25 -8.21 -21.44 22.28
C LEU D 25 -7.99 -20.29 23.25
N THR D 26 -7.91 -19.07 22.74
CA THR D 26 -7.88 -17.85 23.55
C THR D 26 -9.24 -17.14 23.37
N LEU D 27 -9.90 -16.87 24.49
CA LEU D 27 -11.26 -16.30 24.49
C LEU D 27 -11.23 -14.86 25.00
N ALA D 28 -11.66 -13.92 24.16
CA ALA D 28 -11.66 -12.51 24.50
C ALA D 28 -13.03 -12.12 25.07
N LEU D 29 -13.06 -11.75 26.35
CA LEU D 29 -14.29 -11.30 27.00
C LEU D 29 -14.27 -9.80 27.26
N SER D 30 -15.46 -9.19 27.14
CA SER D 30 -15.66 -7.77 27.47
C SER D 30 -15.78 -7.61 28.99
N LYS D 31 -15.03 -6.65 29.53
CA LYS D 31 -14.93 -6.41 30.99
C LYS D 31 -16.19 -6.21 31.84
N GLY D 32 -17.10 -5.33 31.45
CA GLY D 32 -18.09 -4.78 32.40
C GLY D 32 -19.46 -5.45 32.46
N ARG D 33 -20.46 -4.78 31.87
CA ARG D 33 -21.84 -5.26 31.84
C ARG D 33 -22.00 -6.62 31.16
N ILE D 34 -21.23 -6.84 30.09
CA ILE D 34 -21.29 -8.06 29.29
C ILE D 34 -20.79 -9.29 30.05
N LEU D 35 -19.68 -9.13 30.80
CA LEU D 35 -19.05 -10.23 31.53
C LEU D 35 -19.98 -10.96 32.52
N GLU D 36 -20.90 -10.21 33.14
CA GLU D 36 -21.84 -10.76 34.13
C GLU D 36 -22.78 -11.79 33.52
N GLU D 37 -23.38 -11.46 32.37
CA GLU D 37 -24.30 -12.35 31.66
C GLU D 37 -23.63 -13.44 30.82
N THR D 38 -22.31 -13.37 30.63
CA THR D 38 -21.55 -14.37 29.87
C THR D 38 -21.21 -15.59 30.72
N MET D 39 -20.88 -15.36 32.00
CA MET D 39 -20.43 -16.42 32.91
C MET D 39 -21.31 -17.68 32.97
N PRO D 40 -22.66 -17.52 33.01
CA PRO D 40 -23.56 -18.68 32.90
C PRO D 40 -23.45 -19.48 31.60
N LEU D 41 -23.26 -18.79 30.47
CA LEU D 41 -23.08 -19.46 29.17
C LEU D 41 -21.80 -20.30 29.13
N LEU D 42 -20.74 -19.78 29.76
CA LEU D 42 -19.46 -20.47 29.82
C LEU D 42 -19.56 -21.75 30.64
N ARG D 43 -20.07 -21.63 31.88
CA ARG D 43 -20.18 -22.77 32.80
C ARG D 43 -20.95 -23.95 32.20
N ALA D 44 -22.00 -23.65 31.42
CA ALA D 44 -22.75 -24.66 30.67
C ALA D 44 -21.90 -25.36 29.62
N ALA D 45 -20.95 -24.63 29.02
CA ALA D 45 -19.92 -25.20 28.14
C ALA D 45 -18.85 -25.83 29.06
N GLY D 46 -17.62 -26.00 28.60
CA GLY D 46 -16.57 -26.55 29.46
C GLY D 46 -15.87 -25.54 30.37
N VAL D 47 -16.20 -24.24 30.22
CA VAL D 47 -15.30 -23.17 30.63
C VAL D 47 -15.83 -22.45 31.88
N GLU D 48 -14.97 -22.21 32.86
CA GLU D 48 -15.28 -21.35 34.00
C GLU D 48 -13.97 -20.88 34.65
N LEU D 49 -13.96 -19.62 35.08
CA LEU D 49 -12.74 -18.98 35.56
C LEU D 49 -12.41 -19.51 36.96
N LEU D 50 -11.12 -19.67 37.25
CA LEU D 50 -10.66 -20.18 38.55
C LEU D 50 -10.58 -19.06 39.59
N GLU D 51 -10.11 -17.88 39.16
CA GLU D 51 -10.04 -16.68 39.98
C GLU D 51 -11.24 -15.79 39.65
N ASP D 52 -11.23 -14.54 40.11
CA ASP D 52 -12.22 -13.54 39.72
C ASP D 52 -11.54 -12.33 39.07
N PRO D 53 -12.15 -11.73 38.02
CA PRO D 53 -11.48 -10.65 37.28
C PRO D 53 -11.13 -9.36 38.08
N GLU D 54 -11.97 -9.02 39.06
CA GLU D 54 -11.81 -7.75 39.80
C GLU D 54 -10.74 -7.87 40.87
N ALA D 55 -10.82 -8.92 41.68
CA ALA D 55 -9.88 -9.17 42.77
C ALA D 55 -8.44 -9.36 42.32
N SER D 56 -8.25 -10.04 41.19
CA SER D 56 -6.93 -10.31 40.63
C SER D 56 -6.51 -9.24 39.61
N ARG D 57 -5.24 -8.84 39.67
CA ARG D 57 -4.63 -7.91 38.71
C ARG D 57 -3.83 -8.72 37.68
N LYS D 58 -4.52 -9.67 37.06
CA LYS D 58 -3.96 -10.63 36.11
C LYS D 58 -4.64 -10.37 34.77
N LEU D 59 -3.88 -10.48 33.68
CA LEU D 59 -4.42 -10.22 32.34
C LEU D 59 -4.92 -11.50 31.65
N ILE D 60 -4.18 -12.60 31.84
CA ILE D 60 -4.48 -13.90 31.21
C ILE D 60 -4.97 -14.88 32.27
N PHE D 61 -6.18 -15.41 32.09
CA PHE D 61 -6.85 -16.27 33.08
C PHE D 61 -7.00 -17.71 32.60
N PRO D 62 -6.45 -18.69 33.34
CA PRO D 62 -6.77 -20.09 33.06
C PRO D 62 -8.22 -20.44 33.42
N THR D 63 -8.73 -21.51 32.83
CA THR D 63 -10.12 -21.96 33.04
C THR D 63 -10.16 -23.43 33.47
N SER D 64 -11.37 -23.92 33.78
CA SER D 64 -11.60 -25.33 34.08
C SER D 64 -11.17 -26.25 32.93
N ASN D 65 -11.44 -25.81 31.70
CA ASN D 65 -10.92 -26.46 30.50
C ASN D 65 -9.44 -26.05 30.32
N PRO D 66 -8.51 -27.02 30.25
CA PRO D 66 -7.11 -26.65 29.99
C PRO D 66 -6.83 -26.16 28.56
N ASN D 67 -7.71 -26.49 27.61
CA ASN D 67 -7.60 -26.02 26.22
C ASN D 67 -8.15 -24.60 25.99
N VAL D 68 -8.77 -23.97 27.00
CA VAL D 68 -9.29 -22.62 26.85
C VAL D 68 -8.61 -21.66 27.83
N ARG D 69 -8.22 -20.51 27.29
CA ARG D 69 -7.59 -19.42 27.99
C ARG D 69 -8.52 -18.22 27.85
N VAL D 70 -8.51 -17.31 28.83
CA VAL D 70 -9.42 -16.16 28.82
C VAL D 70 -8.66 -14.85 28.97
N LEU D 71 -9.08 -13.85 28.19
CA LEU D 71 -8.59 -12.49 28.30
C LEU D 71 -9.78 -11.61 28.65
N ILE D 72 -9.63 -10.81 29.71
CA ILE D 72 -10.64 -9.85 30.14
C ILE D 72 -10.22 -8.48 29.62
N LEU D 73 -10.96 -7.96 28.64
CA LEU D 73 -10.57 -6.76 27.89
C LEU D 73 -11.65 -5.72 27.94
N ARG D 74 -11.26 -4.48 27.65
CA ARG D 74 -12.22 -3.41 27.35
C ARG D 74 -13.16 -3.90 26.25
N ALA D 75 -14.43 -3.56 26.34
CA ALA D 75 -15.42 -3.98 25.36
C ALA D 75 -15.03 -3.53 23.94
N SER D 76 -14.46 -2.32 23.85
CA SER D 76 -14.00 -1.75 22.58
CA SER D 76 -14.00 -1.75 22.58
C SER D 76 -12.82 -2.51 21.94
N ASP D 77 -11.99 -3.16 22.76
CA ASP D 77 -10.82 -3.89 22.27
C ASP D 77 -11.03 -5.33 21.82
N VAL D 78 -12.18 -5.94 22.17
CA VAL D 78 -12.43 -7.34 21.85
C VAL D 78 -12.33 -7.61 20.33
N PRO D 79 -13.03 -6.82 19.48
CA PRO D 79 -12.95 -7.06 18.03
C PRO D 79 -11.55 -6.94 17.44
N THR D 80 -10.74 -6.05 17.99
CA THR D 80 -9.36 -5.87 17.56
C THR D 80 -8.53 -7.11 17.85
N TYR D 81 -8.61 -7.61 19.08
CA TYR D 81 -7.88 -8.83 19.46
C TYR D 81 -8.27 -10.04 18.63
N VAL D 82 -9.56 -10.19 18.35
CA VAL D 82 -10.04 -11.33 17.56
C VAL D 82 -9.59 -11.18 16.09
N GLU D 83 -9.82 -10.00 15.50
CA GLU D 83 -9.49 -9.79 14.09
C GLU D 83 -8.01 -10.01 13.74
N HIS D 84 -7.10 -9.57 14.63
CA HIS D 84 -5.66 -9.82 14.47
C HIS D 84 -5.20 -11.23 14.94
N GLY D 85 -6.10 -12.04 15.46
CA GLY D 85 -5.78 -13.40 15.89
C GLY D 85 -5.05 -13.53 17.21
N ALA D 86 -5.02 -12.47 18.01
CA ALA D 86 -4.46 -12.52 19.37
C ALA D 86 -5.42 -13.25 20.30
N ALA D 87 -6.70 -13.24 19.93
CA ALA D 87 -7.70 -14.13 20.50
C ALA D 87 -8.34 -14.86 19.34
N ASP D 88 -8.75 -16.10 19.58
CA ASP D 88 -9.34 -16.95 18.56
C ASP D 88 -10.83 -16.65 18.37
N PHE D 89 -11.47 -16.26 19.46
CA PHE D 89 -12.88 -15.91 19.46
C PHE D 89 -13.18 -15.01 20.66
N GLY D 90 -14.36 -14.40 20.65
CA GLY D 90 -14.70 -13.47 21.72
C GLY D 90 -16.14 -13.07 21.76
N VAL D 91 -16.52 -12.47 22.90
CA VAL D 91 -17.87 -11.97 23.14
C VAL D 91 -17.78 -10.43 23.12
N ALA D 92 -18.60 -9.81 22.28
CA ALA D 92 -18.51 -8.39 22.03
C ALA D 92 -19.88 -7.84 21.74
N GLY D 93 -20.14 -6.61 22.22
CA GLY D 93 -21.41 -5.94 21.97
C GLY D 93 -21.59 -5.63 20.49
N LYS D 94 -22.82 -5.73 20.01
CA LYS D 94 -23.13 -5.41 18.61
C LYS D 94 -22.93 -3.91 18.30
N ASP D 95 -23.13 -3.06 19.30
CA ASP D 95 -22.80 -1.64 19.20
C ASP D 95 -21.31 -1.44 18.91
N VAL D 96 -20.46 -2.23 19.55
CA VAL D 96 -19.01 -2.15 19.34
C VAL D 96 -18.64 -2.67 17.94
N LEU D 97 -19.26 -3.77 17.50
CA LEU D 97 -18.99 -4.35 16.17
C LEU D 97 -19.38 -3.45 15.02
N LEU D 98 -20.56 -2.83 15.10
CA LEU D 98 -21.01 -1.87 14.09
C LEU D 98 -20.11 -0.64 14.01
N GLU D 99 -19.69 -0.12 15.16
CA GLU D 99 -18.80 1.04 15.22
C GLU D 99 -17.38 0.69 14.76
N HIS D 100 -16.91 -0.48 15.12
CA HIS D 100 -15.59 -0.98 14.75
C HIS D 100 -15.51 -1.33 13.25
N GLY D 101 -16.59 -1.88 12.72
CA GLY D 101 -16.59 -2.51 11.38
C GLY D 101 -16.03 -3.92 11.51
N ALA D 102 -16.92 -4.90 11.64
CA ALA D 102 -16.54 -6.32 11.81
C ALA D 102 -16.22 -6.99 10.47
N ASN D 103 -15.26 -6.41 9.74
CA ASN D 103 -14.97 -6.81 8.36
C ASN D 103 -14.21 -8.13 8.31
N HIS D 104 -13.28 -8.32 9.23
CA HIS D 104 -12.38 -9.48 9.21
C HIS D 104 -12.66 -10.53 10.28
N VAL D 105 -13.90 -10.61 10.75
CA VAL D 105 -14.32 -11.65 11.70
C VAL D 105 -15.65 -12.24 11.29
N TYR D 106 -15.89 -13.47 11.75
CA TYR D 106 -17.18 -14.12 11.55
C TYR D 106 -18.06 -13.86 12.77
N GLU D 107 -19.24 -13.28 12.54
CA GLU D 107 -20.25 -13.12 13.59
C GLU D 107 -21.14 -14.39 13.62
N LEU D 108 -20.70 -15.38 14.39
CA LEU D 108 -21.30 -16.72 14.39
C LEU D 108 -22.64 -16.88 15.13
N LEU D 109 -22.78 -16.24 16.29
CA LEU D 109 -23.99 -16.38 17.10
C LEU D 109 -24.44 -15.08 17.75
N ASP D 110 -25.75 -14.84 17.70
CA ASP D 110 -26.42 -13.85 18.56
C ASP D 110 -26.66 -14.50 19.92
N LEU D 111 -25.88 -14.12 20.92
CA LEU D 111 -25.99 -14.70 22.26
C LEU D 111 -27.26 -14.24 23.03
N LYS D 112 -27.89 -13.16 22.58
CA LYS D 112 -29.11 -12.61 23.20
C LYS D 112 -28.91 -12.22 24.68
N ILE D 113 -27.71 -11.75 25.01
CA ILE D 113 -27.39 -11.25 26.36
C ILE D 113 -26.90 -9.80 26.26
N ALA D 114 -26.98 -9.10 27.40
CA ALA D 114 -26.60 -7.70 27.53
C ALA D 114 -27.34 -6.84 26.52
N GLN D 115 -28.67 -7.03 26.48
CA GLN D 115 -29.52 -6.41 25.47
C GLN D 115 -29.78 -4.95 25.81
N CYS D 116 -29.79 -4.13 24.77
CA CYS D 116 -30.02 -2.69 24.89
C CYS D 116 -30.34 -2.15 23.48
N LYS D 117 -30.47 -0.83 23.36
CA LYS D 117 -30.73 -0.19 22.07
C LYS D 117 -29.73 0.93 21.88
N LEU D 118 -29.32 1.17 20.63
CA LEU D 118 -28.62 2.41 20.27
C LEU D 118 -29.70 3.40 19.88
N MET D 119 -29.64 4.60 20.44
CA MET D 119 -30.66 5.64 20.20
C MET D 119 -30.03 7.01 20.07
N THR D 120 -30.81 7.94 19.51
CA THR D 120 -30.51 9.37 19.63
C THR D 120 -31.24 9.91 20.86
N ALA D 121 -30.63 10.90 21.53
CA ALA D 121 -31.26 11.59 22.65
C ALA D 121 -30.85 13.06 22.71
N GLY D 122 -31.82 13.93 22.98
CA GLY D 122 -31.59 15.35 23.19
C GLY D 122 -32.19 15.82 24.50
N VAL D 123 -32.16 17.13 24.74
CA VAL D 123 -32.75 17.71 25.95
C VAL D 123 -34.28 17.60 25.86
N LYS D 124 -34.93 17.42 27.00
CA LYS D 124 -36.38 17.22 27.06
C LYS D 124 -37.13 18.43 26.50
N ASP D 125 -37.94 18.19 25.47
CA ASP D 125 -38.78 19.20 24.82
C ASP D 125 -38.03 20.34 24.10
N ALA D 126 -36.71 20.23 23.95
CA ALA D 126 -35.92 21.31 23.35
C ALA D 126 -36.05 21.23 21.82
N PRO D 127 -36.14 22.39 21.14
CA PRO D 127 -36.29 22.36 19.69
C PRO D 127 -34.96 22.11 18.96
N LEU D 128 -35.01 21.43 17.82
CA LEU D 128 -33.84 21.24 16.96
C LEU D 128 -33.49 22.59 16.33
N PRO D 129 -32.20 23.00 16.42
CA PRO D 129 -31.79 24.28 15.83
C PRO D 129 -31.80 24.23 14.29
N ASN D 130 -31.84 25.41 13.66
CA ASN D 130 -31.96 25.51 12.20
C ASN D 130 -30.57 25.48 11.55
N ARG D 131 -29.87 24.36 11.71
CA ARG D 131 -28.49 24.19 11.25
C ARG D 131 -28.09 22.71 11.23
N ARG D 132 -26.90 22.41 10.70
CA ARG D 132 -26.31 21.08 10.81
C ARG D 132 -26.31 20.66 12.28
N LEU D 133 -26.95 19.53 12.57
CA LEU D 133 -26.99 19.00 13.92
C LEU D 133 -25.58 18.58 14.36
N ARG D 134 -25.19 18.99 15.57
CA ARG D 134 -23.93 18.59 16.18
C ARG D 134 -24.19 17.39 17.10
N ILE D 135 -23.58 16.25 16.77
CA ILE D 135 -23.83 14.98 17.47
C ILE D 135 -22.61 14.65 18.32
N ALA D 136 -22.82 14.48 19.62
CA ALA D 136 -21.74 14.09 20.54
C ALA D 136 -21.91 12.61 20.85
N THR D 137 -20.91 11.80 20.50
CA THR D 137 -21.03 10.35 20.67
C THR D 137 -19.69 9.62 20.69
N LYS D 138 -19.70 8.44 21.30
CA LYS D 138 -18.64 7.44 21.15
C LYS D 138 -18.77 6.76 19.79
N TYR D 139 -20.01 6.61 19.33
CA TYR D 139 -20.34 5.82 18.16
C TYR D 139 -20.40 6.74 16.93
N VAL D 140 -19.24 7.20 16.48
CA VAL D 140 -19.15 8.23 15.40
C VAL D 140 -19.50 7.66 14.01
N ASN D 141 -19.00 6.47 13.70
CA ASN D 141 -19.37 5.78 12.45
C ASN D 141 -20.86 5.40 12.42
N VAL D 142 -21.40 4.92 13.54
CA VAL D 142 -22.83 4.58 13.64
C VAL D 142 -23.68 5.84 13.50
N ALA D 143 -23.32 6.91 14.21
CA ALA D 143 -24.03 8.18 14.11
C ALA D 143 -24.07 8.69 12.68
N ARG D 144 -22.88 8.80 12.08
CA ARG D 144 -22.76 9.28 10.70
C ARG D 144 -23.62 8.44 9.74
N ALA D 145 -23.51 7.12 9.86
CA ALA D 145 -24.28 6.18 9.04
C ALA D 145 -25.80 6.34 9.26
N TYR D 146 -26.24 6.38 10.51
CA TYR D 146 -27.66 6.53 10.82
C TYR D 146 -28.23 7.83 10.24
N PHE D 147 -27.58 8.95 10.53
CA PHE D 147 -28.03 10.25 10.04
C PHE D 147 -27.91 10.39 8.51
N ALA D 148 -26.94 9.69 7.92
CA ALA D 148 -26.84 9.58 6.46
C ALA D 148 -28.05 8.81 5.87
N SER D 149 -28.48 7.74 6.53
CA SER D 149 -29.67 6.99 6.10
C SER D 149 -30.99 7.77 6.25
N GLN D 150 -31.01 8.74 7.17
CA GLN D 150 -32.12 9.71 7.29
C GLN D 150 -31.93 10.97 6.42
N GLY D 151 -30.95 10.95 5.51
CA GLY D 151 -30.67 12.08 4.63
C GLY D 151 -30.32 13.38 5.34
N GLN D 152 -29.70 13.27 6.51
CA GLN D 152 -29.30 14.43 7.31
C GLN D 152 -27.77 14.53 7.37
N GLN D 153 -27.28 15.75 7.24
CA GLN D 153 -25.85 16.04 7.37
C GLN D 153 -25.57 16.45 8.81
N VAL D 154 -24.58 15.82 9.44
CA VAL D 154 -24.26 16.11 10.83
C VAL D 154 -22.78 16.40 11.06
N ASP D 155 -22.51 17.24 12.05
CA ASP D 155 -21.16 17.47 12.56
C ASP D 155 -20.99 16.58 13.78
N VAL D 156 -20.12 15.57 13.69
CA VAL D 156 -19.93 14.59 14.75
C VAL D 156 -18.77 15.01 15.65
N ILE D 157 -19.00 14.92 16.96
CA ILE D 157 -17.97 15.19 17.98
C ILE D 157 -17.71 13.88 18.73
N LYS D 158 -16.44 13.45 18.73
CA LYS D 158 -16.01 12.22 19.39
C LYS D 158 -15.85 12.44 20.92
N LEU D 159 -16.50 11.57 21.69
CA LEU D 159 -16.36 11.50 23.14
C LEU D 159 -16.16 10.04 23.56
N TYR D 160 -15.54 9.84 24.71
CA TYR D 160 -15.34 8.48 25.27
C TYR D 160 -16.20 8.16 26.50
N GLY D 161 -16.69 9.17 27.23
CA GLY D 161 -17.51 8.92 28.42
C GLY D 161 -18.49 10.02 28.76
N SER D 162 -19.55 9.65 29.47
CA SER D 162 -20.57 10.57 30.02
C SER D 162 -21.27 11.36 28.91
N MET D 163 -21.87 10.62 27.98
CA MET D 163 -22.58 11.23 26.85
C MET D 163 -23.71 12.17 27.33
N GLU D 164 -24.43 11.73 28.36
CA GLU D 164 -25.46 12.53 29.05
C GLU D 164 -25.11 14.01 29.28
N LEU D 165 -23.87 14.27 29.64
CA LEU D 165 -23.41 15.64 29.92
C LEU D 165 -23.39 16.55 28.69
N ALA D 166 -22.99 16.02 27.54
CA ALA D 166 -22.69 16.85 26.37
C ALA D 166 -23.78 17.88 25.97
N PRO D 167 -25.06 17.45 25.85
CA PRO D 167 -26.11 18.43 25.54
C PRO D 167 -26.39 19.49 26.63
N LEU D 168 -26.11 19.15 27.89
CA LEU D 168 -26.40 20.05 29.03
C LEU D 168 -25.48 21.27 29.10
N VAL D 169 -24.27 21.17 28.58
CA VAL D 169 -23.32 22.30 28.51
C VAL D 169 -23.12 22.80 27.07
N GLY D 170 -24.02 22.41 26.16
CA GLY D 170 -23.99 22.90 24.78
C GLY D 170 -23.06 22.22 23.80
N LEU D 171 -22.29 21.20 24.23
CA LEU D 171 -21.32 20.55 23.32
C LEU D 171 -21.91 19.94 22.05
N GLY D 172 -23.15 19.46 22.08
CA GLY D 172 -23.82 19.07 20.85
C GLY D 172 -25.31 19.25 21.05
N ASP D 173 -26.08 19.08 19.98
CA ASP D 173 -27.54 19.18 20.04
C ASP D 173 -28.13 17.85 20.50
N LEU D 174 -27.67 16.75 19.89
CA LEU D 174 -28.08 15.41 20.26
C LEU D 174 -26.87 14.58 20.67
N ILE D 175 -27.17 13.44 21.31
CA ILE D 175 -26.18 12.38 21.53
C ILE D 175 -26.63 11.11 20.84
N VAL D 176 -25.71 10.16 20.71
CA VAL D 176 -26.00 8.78 20.35
C VAL D 176 -25.34 7.91 21.41
N ASP D 177 -26.11 7.01 22.01
CA ASP D 177 -25.60 6.17 23.09
C ASP D 177 -26.48 4.93 23.30
N VAL D 178 -25.95 3.93 23.99
CA VAL D 178 -26.73 2.74 24.36
C VAL D 178 -27.71 3.05 25.50
N VAL D 179 -28.96 2.65 25.31
CA VAL D 179 -30.04 2.89 26.25
C VAL D 179 -30.72 1.55 26.52
N ASP D 180 -30.95 1.25 27.79
CA ASP D 180 -31.72 0.08 28.22
C ASP D 180 -33.05 0.53 28.82
N THR D 181 -33.05 0.96 30.09
CA THR D 181 -34.28 1.42 30.76
C THR D 181 -34.66 2.87 30.43
N GLY D 182 -33.68 3.68 30.04
CA GLY D 182 -33.88 5.11 29.83
C GLY D 182 -33.75 5.98 31.07
N ASN D 183 -33.39 5.40 32.21
CA ASN D 183 -33.31 6.13 33.48
C ASN D 183 -32.15 7.12 33.55
N THR D 184 -31.01 6.77 32.94
CA THR D 184 -29.84 7.66 32.92
C THR D 184 -30.14 8.93 32.11
N LEU D 185 -30.83 8.76 30.98
CA LEU D 185 -31.29 9.89 30.17
C LEU D 185 -32.29 10.76 30.95
N ARG D 186 -33.31 10.14 31.53
CA ARG D 186 -34.34 10.87 32.29
C ARG D 186 -33.80 11.55 33.56
N ALA D 187 -32.85 10.90 34.24
CA ALA D 187 -32.18 11.50 35.41
C ALA D 187 -31.30 12.73 35.09
N ASN D 188 -30.95 12.94 33.82
CA ASN D 188 -30.18 14.11 33.39
C ASN D 188 -31.00 15.10 32.54
N GLY D 189 -32.32 14.98 32.56
CA GLY D 189 -33.21 15.86 31.81
C GLY D 189 -33.26 15.64 30.31
N LEU D 190 -32.84 14.46 29.84
CA LEU D 190 -32.84 14.10 28.42
C LEU D 190 -33.98 13.13 28.11
N GLU D 191 -34.37 13.07 26.83
CA GLU D 191 -35.34 12.10 26.32
C GLU D 191 -34.79 11.43 25.07
N ALA D 192 -35.16 10.15 24.86
CA ALA D 192 -34.82 9.46 23.62
C ALA D 192 -35.62 10.04 22.45
N ARG D 193 -35.03 10.04 21.25
CA ARG D 193 -35.66 10.63 20.06
C ARG D 193 -35.91 9.61 18.96
N ASP D 194 -34.85 8.96 18.48
CA ASP D 194 -34.94 7.97 17.42
C ASP D 194 -34.33 6.65 17.85
N HIS D 195 -34.98 5.56 17.46
CA HIS D 195 -34.41 4.23 17.63
C HIS D 195 -33.52 3.95 16.42
N ILE D 196 -32.25 3.61 16.67
CA ILE D 196 -31.29 3.34 15.60
C ILE D 196 -31.28 1.84 15.33
N CYS D 197 -31.00 1.03 16.35
CA CYS D 197 -31.07 -0.43 16.23
C CYS D 197 -31.02 -1.15 17.60
N ASP D 198 -31.45 -2.41 17.62
CA ASP D 198 -31.30 -3.28 18.79
C ASP D 198 -29.86 -3.78 18.90
N VAL D 199 -29.42 -4.00 20.14
CA VAL D 199 -28.05 -4.42 20.44
C VAL D 199 -28.07 -5.61 21.39
N SER D 200 -27.17 -6.55 21.14
CA SER D 200 -26.89 -7.64 22.07
C SER D 200 -25.45 -8.10 21.86
N SER D 201 -24.90 -8.80 22.85
CA SER D 201 -23.56 -9.36 22.71
C SER D 201 -23.57 -10.49 21.69
N ARG D 202 -22.50 -10.55 20.89
CA ARG D 202 -22.37 -11.54 19.83
C ARG D 202 -21.09 -12.33 20.02
N LEU D 203 -21.11 -13.56 19.51
CA LEU D 203 -19.94 -14.42 19.48
CA LEU D 203 -19.93 -14.41 19.49
C LEU D 203 -19.21 -14.19 18.17
N ILE D 204 -17.99 -13.69 18.24
CA ILE D 204 -17.16 -13.48 17.04
C ILE D 204 -15.97 -14.44 17.02
N VAL D 205 -15.60 -14.90 15.82
CA VAL D 205 -14.47 -15.84 15.64
C VAL D 205 -13.50 -15.36 14.53
N ASN D 206 -12.21 -15.46 14.81
CA ASN D 206 -11.16 -15.16 13.85
C ASN D 206 -11.25 -16.10 12.64
N GLN D 207 -11.20 -15.53 11.43
CA GLN D 207 -11.26 -16.29 10.18
C GLN D 207 -10.34 -17.51 10.13
N VAL D 208 -9.09 -17.30 10.51
CA VAL D 208 -8.09 -18.38 10.47
C VAL D 208 -8.34 -19.44 11.54
N SER D 209 -8.68 -19.00 12.77
CA SER D 209 -8.99 -19.92 13.86
C SER D 209 -10.15 -20.85 13.51
N TYR D 210 -11.16 -20.31 12.83
CA TYR D 210 -12.33 -21.08 12.40
C TYR D 210 -11.97 -22.29 11.52
N LYS D 211 -10.94 -22.16 10.69
CA LYS D 211 -10.47 -23.24 9.84
C LYS D 211 -9.57 -24.19 10.63
N ARG D 212 -8.59 -23.62 11.34
CA ARG D 212 -7.51 -24.38 11.96
C ARG D 212 -7.87 -25.04 13.30
N LYS D 213 -8.79 -24.44 14.06
CA LYS D 213 -9.15 -24.94 15.39
C LYS D 213 -10.66 -25.20 15.54
N PHE D 214 -11.29 -25.70 14.47
CA PHE D 214 -12.73 -25.99 14.51
C PHE D 214 -13.07 -27.13 15.49
N ALA D 215 -12.18 -28.11 15.58
CA ALA D 215 -12.35 -29.25 16.48
C ALA D 215 -12.48 -28.80 17.94
N LEU D 216 -11.68 -27.84 18.35
CA LEU D 216 -11.75 -27.25 19.69
C LEU D 216 -13.01 -26.37 19.85
N LEU D 217 -13.37 -25.65 18.78
CA LEU D 217 -14.49 -24.71 18.81
C LEU D 217 -15.90 -25.34 18.81
N GLU D 218 -16.12 -26.35 17.96
CA GLU D 218 -17.48 -26.90 17.74
C GLU D 218 -18.28 -27.27 19.00
N PRO D 219 -17.64 -27.97 19.98
CA PRO D 219 -18.37 -28.30 21.21
C PRO D 219 -18.76 -27.09 22.07
N ILE D 220 -17.93 -26.04 22.06
CA ILE D 220 -18.22 -24.80 22.78
C ILE D 220 -19.32 -24.01 22.06
N LEU D 221 -19.21 -23.91 20.73
CA LEU D 221 -20.25 -23.29 19.88
C LEU D 221 -21.63 -23.95 20.03
N ASP D 222 -21.65 -25.29 20.11
CA ASP D 222 -22.90 -26.04 20.25
C ASP D 222 -23.53 -25.87 21.63
N SER D 223 -22.71 -25.78 22.67
CA SER D 223 -23.22 -25.55 24.04
C SER D 223 -23.77 -24.14 24.23
N PHE D 224 -23.11 -23.13 23.64
CA PHE D 224 -23.65 -21.77 23.62
C PHE D 224 -25.00 -21.75 22.88
N LYS D 225 -25.06 -22.44 21.74
CA LYS D 225 -26.29 -22.55 20.95
C LYS D 225 -27.43 -23.20 21.77
N ASN D 226 -27.10 -24.26 22.51
CA ASN D 226 -28.06 -24.95 23.39
C ASN D 226 -28.50 -24.11 24.59
N SER D 227 -27.59 -23.28 25.10
CA SER D 227 -27.91 -22.37 26.22
C SER D 227 -28.90 -21.23 25.90
N ILE D 228 -29.38 -21.15 24.65
CA ILE D 228 -30.48 -20.25 24.27
C ILE D 228 -31.31 -20.87 23.14
#